data_2B7S
#
_entry.id   2B7S
#
_cell.length_a   45.228
_cell.length_b   91.362
_cell.length_c   78.193
_cell.angle_alpha   90.00
_cell.angle_beta   91.26
_cell.angle_gamma   90.00
#
_symmetry.space_group_name_H-M   'P 1 21 1'
#
loop_
_entity.id
_entity.type
_entity.pdbx_description
1 polymer 'Fumarate reductase flavoprotein subunit'
2 non-polymer 'SODIUM ION'
3 non-polymer 'HEME C'
4 non-polymer 'FLAVIN-ADENINE DINUCLEOTIDE'
5 non-polymer 'FUMARIC ACID'
6 water water
#
_entity_poly.entity_id   1
_entity_poly.type   'polypeptide(L)'
_entity_poly.pdbx_seq_one_letter_code
;ADNLAEFHVQNQECDSCHTPDGELSNDSLTYENTQCVSCHGTLAEVAETTKHEHYNAHASHFPGEVACTSCHSAHEKSMV
YCDSCHSFDFNMPYAKKWLRDEPTIAELAKDKSERQAALASAPHDTVDVVVVGSGGAGFSAAISATDSGAKVILIEKEPV
IGGNAKLAAGGMNAAWTDQQKAKKITDSPELMFEDTMKGGQNINDPALVKVLSSHSKDSVDWMTAMGADLTDVGMMGGAS
VNRAHRPTGGAGVGAHVVQVLYDNAVKRNIDLRMNTRGIEVLKDDKGTVKGILVKGMYKGYYWVKADAVILATGGFAKNN
ERVAKLDPSLKGFISTNQPGAVGDGLDVAENAGGALKDMQYIQAHPTLSVKGGVMVTEAVKGNGAILVNREGKRFVNEIT
TRDKASAAILAQTGKSAYLIFDDSVRKSLSKIDKYIGLGVAPTADSLVKLGKMEGIDGKALTETVARYNSLVSSGKDTDF
ERPNLPRALNEGNYYAIEVTPGVHHTMGGVMIDTKAEVMNAKKQVIPGLYGAGEVTGGVHGANRLGGNAISDIITFGRLA
GEEAAKYSKKN
;
_entity_poly.pdbx_strand_id   A
#
loop_
_chem_comp.id
_chem_comp.type
_chem_comp.name
_chem_comp.formula
FAD non-polymer 'FLAVIN-ADENINE DINUCLEOTIDE' 'C27 H33 N9 O15 P2'
FUM non-polymer 'FUMARIC ACID' 'C4 H4 O4'
HEC non-polymer 'HEME C' 'C34 H34 Fe N4 O4'
NA non-polymer 'SODIUM ION' 'Na 1'
#
# COMPACT_ATOMS: atom_id res chain seq x y z
N ALA A 1 32.24 -13.42 15.53
CA ALA A 1 32.05 -13.16 14.09
C ALA A 1 31.49 -11.76 13.91
N ASP A 2 31.96 -11.07 12.87
CA ASP A 2 31.45 -9.74 12.53
C ASP A 2 30.29 -9.83 11.52
N ASN A 3 30.06 -11.01 10.95
CA ASN A 3 28.99 -11.16 9.96
C ASN A 3 28.52 -12.60 9.93
N LEU A 4 27.36 -12.80 9.33
CA LEU A 4 26.70 -14.10 9.27
C LEU A 4 27.48 -15.16 8.50
N ALA A 5 28.15 -14.78 7.41
CA ALA A 5 28.96 -15.74 6.62
C ALA A 5 30.16 -16.23 7.45
N GLU A 6 30.90 -15.30 8.04
CA GLU A 6 31.99 -15.63 8.98
C GLU A 6 31.56 -16.67 10.03
N PHE A 7 30.37 -16.46 10.63
CA PHE A 7 29.83 -17.40 11.60
C PHE A 7 29.68 -18.82 11.04
N HIS A 8 29.07 -18.94 9.85
CA HIS A 8 28.82 -20.21 9.24
C HIS A 8 30.09 -20.92 8.73
N VAL A 9 31.04 -20.16 8.16
CA VAL A 9 32.27 -20.76 7.61
C VAL A 9 33.19 -21.31 8.68
N GLN A 10 32.92 -21.05 9.95
CA GLN A 10 33.64 -21.74 11.05
C GLN A 10 33.48 -23.26 10.94
N ASN A 11 32.33 -23.70 10.40
CA ASN A 11 31.93 -25.12 10.37
C ASN A 11 31.41 -25.55 9.01
N GLN A 12 31.36 -24.64 8.05
CA GLN A 12 30.69 -24.93 6.79
C GLN A 12 31.56 -24.49 5.63
N GLU A 13 31.45 -25.20 4.51
CA GLU A 13 32.09 -24.76 3.26
C GLU A 13 31.26 -23.65 2.55
N CYS A 14 31.92 -22.90 1.66
CA CYS A 14 31.27 -21.87 0.83
C CYS A 14 30.01 -22.35 0.14
N ASP A 15 30.10 -23.55 -0.43
CA ASP A 15 29.04 -24.16 -1.18
C ASP A 15 27.92 -24.76 -0.34
N SER A 16 27.96 -24.58 0.98
CA SER A 16 26.74 -24.82 1.79
C SER A 16 25.69 -23.74 1.48
N CYS A 17 26.14 -22.56 1.04
CA CYS A 17 25.20 -21.49 0.63
C CYS A 17 25.22 -21.19 -0.86
N HIS A 18 26.40 -21.35 -1.49
CA HIS A 18 26.59 -20.96 -2.86
C HIS A 18 26.39 -22.07 -3.88
N THR A 19 26.15 -21.67 -5.14
CA THR A 19 26.16 -22.63 -6.28
C THR A 19 27.59 -23.15 -6.47
N PRO A 20 27.78 -24.22 -7.25
CA PRO A 20 29.14 -24.76 -7.48
C PRO A 20 30.24 -23.77 -7.91
N ASP A 21 29.90 -22.85 -8.81
CA ASP A 21 30.88 -21.90 -9.35
C ASP A 21 31.00 -20.64 -8.49
N GLY A 22 30.10 -20.52 -7.50
CA GLY A 22 30.12 -19.39 -6.57
C GLY A 22 29.32 -18.17 -7.00
N GLU A 23 28.88 -18.16 -8.25
CA GLU A 23 28.12 -17.01 -8.71
C GLU A 23 26.69 -16.96 -8.09
N LEU A 24 26.26 -15.75 -7.81
CA LEU A 24 24.90 -15.49 -7.29
C LEU A 24 23.84 -15.92 -8.31
N SER A 25 22.87 -16.72 -7.87
CA SER A 25 21.91 -17.34 -8.77
C SER A 25 21.13 -16.30 -9.60
N ASN A 26 20.67 -15.24 -8.94
CA ASN A 26 19.84 -14.20 -9.54
C ASN A 26 19.65 -13.08 -8.52
N ASP A 27 18.94 -12.01 -8.90
CA ASP A 27 18.68 -10.93 -7.93
C ASP A 27 17.75 -11.25 -6.75
N SER A 28 16.94 -12.30 -6.88
CA SER A 28 16.12 -12.78 -5.75
C SER A 28 16.90 -13.70 -4.79
N LEU A 29 18.15 -14.02 -5.13
CA LEU A 29 18.97 -14.98 -4.35
C LEU A 29 18.18 -16.26 -4.06
N THR A 30 17.45 -16.73 -5.06
CA THR A 30 16.62 -17.95 -4.95
C THR A 30 17.39 -19.18 -4.43
N TYR A 31 18.49 -19.51 -5.09
CA TYR A 31 19.27 -20.66 -4.69
C TYR A 31 19.82 -20.52 -3.26
N GLU A 32 20.33 -19.34 -2.93
CA GLU A 32 20.98 -19.10 -1.67
C GLU A 32 19.95 -19.18 -0.50
N ASN A 33 18.80 -18.52 -0.69
CA ASN A 33 17.69 -18.64 0.26
C ASN A 33 17.19 -20.09 0.43
N THR A 34 17.17 -20.85 -0.67
CA THR A 34 16.82 -22.26 -0.61
C THR A 34 17.75 -23.03 0.35
N GLN A 35 19.02 -22.67 0.35
CA GLN A 35 20.00 -23.26 1.27
C GLN A 35 19.77 -22.87 2.75
N CYS A 36 19.49 -21.59 3.06
CA CYS A 36 19.03 -21.21 4.43
C CYS A 36 17.90 -22.16 4.88
N VAL A 37 16.84 -22.24 4.07
CA VAL A 37 15.69 -23.07 4.39
C VAL A 37 16.03 -24.57 4.53
N SER A 38 17.00 -25.07 3.76
CA SER A 38 17.33 -26.52 3.83
C SER A 38 17.84 -26.89 5.21
N CYS A 39 18.50 -25.94 5.88
CA CYS A 39 19.01 -26.17 7.24
C CYS A 39 18.16 -25.62 8.38
N HIS A 40 17.53 -24.45 8.20
CA HIS A 40 16.76 -23.83 9.28
C HIS A 40 15.27 -24.06 9.18
N GLY A 41 14.79 -24.52 8.03
CA GLY A 41 13.35 -24.66 7.82
C GLY A 41 12.81 -23.40 7.18
N THR A 42 11.52 -23.46 6.82
CA THR A 42 10.83 -22.34 6.19
C THR A 42 10.69 -21.19 7.20
N LEU A 43 10.26 -20.03 6.71
CA LEU A 43 9.99 -18.89 7.57
C LEU A 43 9.03 -19.28 8.69
N ALA A 44 7.96 -19.99 8.33
CA ALA A 44 6.97 -20.47 9.33
C ALA A 44 7.59 -21.38 10.40
N GLU A 45 8.54 -22.22 10.00
CA GLU A 45 9.26 -23.13 10.89
C GLU A 45 10.24 -22.39 11.80
N VAL A 46 10.95 -21.41 11.25
CA VAL A 46 11.76 -20.50 12.07
C VAL A 46 10.92 -19.69 13.07
N ALA A 47 9.73 -19.25 12.64
CA ALA A 47 8.84 -18.46 13.50
C ALA A 47 8.49 -19.19 14.82
N GLU A 48 8.36 -20.52 14.77
CA GLU A 48 8.11 -21.34 15.98
C GLU A 48 9.13 -21.10 17.08
N THR A 49 10.35 -20.72 16.70
CA THR A 49 11.47 -20.53 17.66
C THR A 49 11.68 -19.06 18.07
N THR A 50 10.91 -18.14 17.49
CA THR A 50 11.15 -16.73 17.77
C THR A 50 9.89 -16.00 18.22
N LYS A 51 8.98 -16.72 18.89
CA LYS A 51 7.72 -16.09 19.34
C LYS A 51 7.94 -15.13 20.49
N HIS A 52 7.31 -13.96 20.38
CA HIS A 52 7.06 -13.09 21.54
C HIS A 52 5.55 -13.05 21.62
N GLU A 53 5.02 -12.68 22.77
CA GLU A 53 3.58 -12.64 22.96
C GLU A 53 2.84 -11.85 21.85
N HIS A 54 3.34 -10.65 21.53
CA HIS A 54 2.62 -9.77 20.59
C HIS A 54 3.25 -9.49 19.21
N TYR A 55 4.36 -10.16 18.89
CA TYR A 55 5.10 -9.93 17.62
C TYR A 55 6.07 -11.09 17.36
N ASN A 56 6.55 -11.18 16.13
CA ASN A 56 7.42 -12.26 15.71
C ASN A 56 8.02 -11.83 14.38
N ALA A 57 9.33 -11.64 14.38
CA ALA A 57 10.12 -11.22 13.22
C ALA A 57 9.84 -12.08 12.01
N HIS A 58 9.51 -13.36 12.26
CA HIS A 58 9.36 -14.40 11.21
C HIS A 58 7.92 -14.75 10.91
N ALA A 59 6.97 -14.08 11.54
CA ALA A 59 5.57 -14.33 11.25
C ALA A 59 4.83 -13.00 11.31
N SER A 60 4.70 -12.36 10.16
CA SER A 60 4.14 -11.02 10.10
C SER A 60 2.94 -10.95 9.19
N HIS A 61 2.40 -9.75 9.04
CA HIS A 61 1.30 -9.49 8.13
C HIS A 61 1.76 -9.40 6.65
N PHE A 62 3.07 -9.47 6.42
CA PHE A 62 3.59 -9.47 5.02
C PHE A 62 3.11 -10.71 4.25
N PRO A 63 2.51 -10.52 3.06
CA PRO A 63 2.15 -11.62 2.16
C PRO A 63 3.33 -12.14 1.33
N GLY A 64 3.14 -13.33 0.76
CA GLY A 64 4.10 -13.91 -0.17
C GLY A 64 5.13 -14.68 0.64
N GLU A 65 6.20 -15.11 -0.01
CA GLU A 65 7.26 -15.84 0.70
C GLU A 65 8.42 -14.89 0.92
N VAL A 66 8.56 -14.41 2.15
CA VAL A 66 9.54 -13.39 2.47
C VAL A 66 10.92 -14.07 2.59
N ALA A 67 11.83 -13.72 1.70
CA ALA A 67 13.18 -14.29 1.66
C ALA A 67 13.98 -13.91 2.89
N CYS A 68 14.72 -14.88 3.42
CA CYS A 68 15.66 -14.69 4.52
C CYS A 68 16.60 -13.51 4.34
N THR A 69 17.11 -13.36 3.11
CA THR A 69 18.09 -12.32 2.78
C THR A 69 17.48 -10.91 2.74
N SER A 70 16.14 -10.81 2.89
CA SER A 70 15.48 -9.51 3.03
C SER A 70 16.01 -8.81 4.28
N CYS A 71 16.40 -9.61 5.27
CA CYS A 71 16.89 -9.07 6.53
C CYS A 71 18.28 -9.60 6.91
N HIS A 72 18.55 -10.85 6.59
CA HIS A 72 19.86 -11.48 6.88
C HIS A 72 20.78 -11.44 5.63
N SER A 73 21.71 -10.49 5.56
CA SER A 73 22.82 -10.55 4.58
C SER A 73 23.91 -11.53 5.10
N ALA A 74 24.78 -12.00 4.21
CA ALA A 74 25.84 -12.91 4.62
C ALA A 74 27.13 -12.18 4.97
N HIS A 75 27.62 -11.35 4.06
CA HIS A 75 28.99 -10.84 4.17
C HIS A 75 29.12 -9.45 4.76
N GLU A 76 28.00 -8.91 5.24
CA GLU A 76 27.95 -7.62 5.93
C GLU A 76 26.74 -7.66 6.89
N LYS A 77 26.77 -6.81 7.93
CA LYS A 77 25.62 -6.54 8.82
C LYS A 77 24.43 -6.04 8.01
N SER A 78 23.23 -6.31 8.51
CA SER A 78 22.02 -6.04 7.74
C SER A 78 20.92 -5.47 8.62
N MET A 79 19.89 -4.92 7.99
CA MET A 79 18.81 -4.27 8.69
C MET A 79 17.56 -5.16 8.76
N VAL A 80 16.84 -5.07 9.88
CA VAL A 80 15.51 -5.69 10.03
C VAL A 80 14.47 -4.81 9.32
N TYR A 81 13.77 -5.36 8.31
CA TYR A 81 12.92 -4.55 7.43
C TYR A 81 11.82 -3.92 8.24
N CYS A 82 11.37 -4.67 9.27
CA CYS A 82 10.33 -4.22 10.20
C CYS A 82 10.68 -2.94 10.91
N ASP A 83 11.98 -2.64 11.05
CA ASP A 83 12.42 -1.40 11.64
C ASP A 83 12.06 -0.13 10.85
N SER A 84 11.69 -0.26 9.56
CA SER A 84 11.26 0.90 8.76
C SER A 84 9.90 1.53 9.19
N CYS A 85 9.14 0.82 10.05
CA CYS A 85 7.87 1.37 10.61
C CYS A 85 7.65 1.10 12.10
N HIS A 86 8.32 0.08 12.64
CA HIS A 86 8.11 -0.34 14.01
C HIS A 86 9.41 -0.29 14.77
N SER A 87 9.34 -0.32 16.10
CA SER A 87 10.52 -0.42 16.95
C SER A 87 10.36 -1.54 17.98
N PHE A 88 10.21 -2.78 17.50
CA PHE A 88 10.07 -3.94 18.37
C PHE A 88 11.42 -4.24 18.99
N ASP A 89 11.40 -4.91 20.13
CA ASP A 89 12.62 -5.30 20.79
C ASP A 89 13.21 -6.56 20.10
N PHE A 90 14.07 -6.34 19.11
CA PHE A 90 14.66 -7.45 18.34
C PHE A 90 16.15 -7.64 18.70
N ASN A 91 16.63 -8.86 18.56
CA ASN A 91 18.05 -9.12 18.75
C ASN A 91 18.56 -9.99 17.59
N MET A 92 18.47 -9.45 16.38
CA MET A 92 18.89 -10.17 15.19
C MET A 92 20.42 -10.22 15.20
N PRO A 93 21.04 -11.39 15.06
CA PRO A 93 22.50 -11.41 14.94
C PRO A 93 22.93 -10.54 13.76
N TYR A 94 24.02 -9.79 13.94
CA TYR A 94 24.69 -9.03 12.85
C TYR A 94 23.82 -7.90 12.30
N ALA A 95 22.95 -7.37 13.15
CA ALA A 95 22.06 -6.29 12.81
C ALA A 95 22.77 -4.94 12.81
N LYS A 96 22.29 -4.05 11.96
CA LYS A 96 22.64 -2.66 12.00
C LYS A 96 21.34 -1.88 11.96
N LYS A 97 21.41 -0.62 12.41
CA LYS A 97 20.24 0.24 12.49
C LYS A 97 19.62 0.48 11.10
N TRP A 98 18.29 0.52 11.05
CA TRP A 98 17.57 0.72 9.79
C TRP A 98 17.94 2.07 9.20
N LEU A 99 18.46 2.08 7.97
CA LEU A 99 18.65 3.33 7.25
C LEU A 99 18.30 3.08 5.80
N ARG A 100 17.42 3.91 5.25
CA ARG A 100 17.16 3.87 3.81
C ARG A 100 17.86 5.07 3.12
N ASP A 101 18.86 4.77 2.32
CA ASP A 101 19.49 5.78 1.49
C ASP A 101 19.61 5.32 0.04
N GLU A 102 18.49 5.29 -0.67
CA GLU A 102 18.47 4.78 -2.02
C GLU A 102 18.79 5.92 -2.99
N PRO A 103 19.74 5.72 -3.91
CA PRO A 103 20.02 6.77 -4.93
C PRO A 103 18.80 7.13 -5.79
N THR A 104 18.63 8.39 -6.08
CA THR A 104 17.57 8.79 -6.98
C THR A 104 17.93 8.36 -8.40
N ILE A 105 16.95 8.36 -9.29
CA ILE A 105 17.23 8.07 -10.70
C ILE A 105 18.33 9.03 -11.23
N ALA A 106 18.23 10.32 -10.90
CA ALA A 106 19.23 11.32 -11.33
C ALA A 106 20.68 11.01 -10.88
N GLU A 107 20.83 10.60 -9.62
CA GLU A 107 22.13 10.23 -9.04
C GLU A 107 22.73 9.03 -9.77
N LEU A 108 21.88 8.08 -10.16
CA LEU A 108 22.31 6.93 -10.97
C LEU A 108 22.87 7.23 -12.39
N ALA A 109 22.69 8.47 -12.87
CA ALA A 109 23.41 8.96 -14.07
C ALA A 109 24.94 8.92 -13.91
N LYS A 110 25.43 8.89 -12.67
CA LYS A 110 26.86 8.73 -12.38
C LYS A 110 27.39 7.32 -12.68
N ASP A 111 26.50 6.36 -12.92
CA ASP A 111 26.91 5.04 -13.37
C ASP A 111 27.00 4.96 -14.89
N LYS A 112 27.36 6.06 -15.57
CA LYS A 112 27.41 6.03 -17.03
C LYS A 112 28.23 4.87 -17.67
N SER A 113 29.46 4.68 -17.25
CA SER A 113 30.26 3.55 -17.76
C SER A 113 29.56 2.17 -17.68
N GLU A 114 29.10 1.79 -16.49
CA GLU A 114 28.38 0.53 -16.29
C GLU A 114 27.08 0.45 -17.12
N ARG A 115 26.39 1.56 -17.26
CA ARG A 115 25.12 1.61 -17.97
C ARG A 115 25.33 1.48 -19.48
N GLN A 116 26.33 2.20 -19.99
CA GLN A 116 26.71 2.09 -21.39
C GLN A 116 27.15 0.66 -21.72
N ALA A 117 27.96 0.05 -20.86
CA ALA A 117 28.36 -1.34 -21.05
C ALA A 117 27.14 -2.28 -21.13
N ALA A 118 26.16 -2.05 -20.23
CA ALA A 118 24.95 -2.89 -20.20
C ALA A 118 24.16 -2.74 -21.49
N LEU A 119 23.98 -1.50 -21.93
CA LEU A 119 23.18 -1.21 -23.14
C LEU A 119 23.88 -1.68 -24.44
N ALA A 120 25.20 -1.76 -24.40
CA ALA A 120 26.02 -2.30 -25.50
C ALA A 120 25.93 -3.83 -25.61
N SER A 121 25.56 -4.52 -24.52
CA SER A 121 25.36 -5.98 -24.50
C SER A 121 24.02 -6.42 -25.08
N ALA A 122 23.93 -7.72 -25.35
CA ALA A 122 22.64 -8.32 -25.71
C ALA A 122 21.65 -8.08 -24.55
N PRO A 123 20.35 -7.99 -24.87
CA PRO A 123 19.34 -7.97 -23.80
C PRO A 123 19.42 -9.29 -23.04
N HIS A 124 19.38 -9.23 -21.72
CA HIS A 124 19.47 -10.43 -20.93
C HIS A 124 18.23 -11.33 -21.19
N ASP A 125 17.11 -10.68 -21.54
CA ASP A 125 15.81 -11.35 -21.73
C ASP A 125 15.07 -10.64 -22.83
N THR A 126 14.32 -11.43 -23.57
CA THR A 126 13.45 -10.89 -24.58
C THR A 126 12.05 -11.40 -24.31
N VAL A 127 11.15 -10.47 -23.95
CA VAL A 127 9.78 -10.84 -23.63
C VAL A 127 8.80 -9.87 -24.30
N ASP A 128 7.52 -10.01 -24.01
CA ASP A 128 6.51 -9.11 -24.58
C ASP A 128 6.30 -7.85 -23.74
N VAL A 129 6.16 -8.05 -22.42
CA VAL A 129 5.81 -6.98 -21.47
C VAL A 129 6.69 -7.05 -20.23
N VAL A 130 7.26 -5.92 -19.82
CA VAL A 130 7.88 -5.82 -18.48
C VAL A 130 6.97 -4.98 -17.57
N VAL A 131 6.62 -5.53 -16.40
CA VAL A 131 5.85 -4.77 -15.39
C VAL A 131 6.78 -4.35 -14.26
N VAL A 132 6.72 -3.07 -13.90
CA VAL A 132 7.62 -2.54 -12.86
C VAL A 132 6.81 -2.23 -11.58
N GLY A 133 7.06 -3.01 -10.50
CA GLY A 133 6.38 -2.76 -9.22
C GLY A 133 5.50 -3.94 -8.86
N SER A 134 5.71 -4.52 -7.67
CA SER A 134 4.91 -5.67 -7.23
C SER A 134 3.80 -5.33 -6.22
N GLY A 135 3.16 -4.19 -6.40
CA GLY A 135 1.97 -3.83 -5.64
C GLY A 135 0.76 -4.44 -6.31
N GLY A 136 -0.43 -3.95 -5.96
CA GLY A 136 -1.64 -4.51 -6.54
C GLY A 136 -1.73 -4.26 -8.03
N ALA A 137 -1.33 -3.06 -8.46
CA ALA A 137 -1.43 -2.70 -9.88
C ALA A 137 -0.51 -3.58 -10.72
N GLY A 138 0.72 -3.81 -10.23
CA GLY A 138 1.71 -4.57 -10.98
C GLY A 138 1.41 -6.05 -11.08
N PHE A 139 1.06 -6.70 -9.96
CA PHE A 139 0.55 -8.08 -10.04
C PHE A 139 -0.67 -8.24 -10.95
N SER A 140 -1.65 -7.32 -10.85
CA SER A 140 -2.86 -7.38 -11.69
C SER A 140 -2.52 -7.31 -13.16
N ALA A 141 -1.66 -6.33 -13.54
CA ALA A 141 -1.15 -6.25 -14.93
C ALA A 141 -0.37 -7.49 -15.38
N ALA A 142 0.53 -7.98 -14.51
CA ALA A 142 1.31 -9.17 -14.85
C ALA A 142 0.43 -10.40 -15.10
N ILE A 143 -0.54 -10.61 -14.20
CA ILE A 143 -1.51 -11.69 -14.35
C ILE A 143 -2.37 -11.49 -15.62
N SER A 144 -2.94 -10.30 -15.82
CA SER A 144 -3.87 -10.11 -16.94
C SER A 144 -3.14 -10.19 -18.29
N ALA A 145 -1.94 -9.62 -18.35
CA ALA A 145 -1.08 -9.77 -19.56
C ALA A 145 -0.80 -11.25 -19.91
N THR A 146 -0.38 -12.02 -18.91
CA THR A 146 -0.11 -13.46 -19.04
C THR A 146 -1.35 -14.21 -19.52
N ASP A 147 -2.51 -13.93 -18.90
CA ASP A 147 -3.79 -14.55 -19.31
C ASP A 147 -4.19 -14.14 -20.71
N SER A 148 -3.74 -12.98 -21.17
CA SER A 148 -3.93 -12.57 -22.57
C SER A 148 -2.86 -13.13 -23.50
N GLY A 149 -1.98 -14.00 -23.01
CA GLY A 149 -1.06 -14.67 -23.87
C GLY A 149 0.31 -13.99 -24.03
N ALA A 150 0.57 -12.96 -23.23
CA ALA A 150 1.86 -12.30 -23.26
C ALA A 150 2.86 -12.97 -22.31
N LYS A 151 4.12 -12.94 -22.71
CA LYS A 151 5.25 -13.31 -21.85
C LYS A 151 5.70 -12.08 -21.00
N VAL A 152 5.70 -12.25 -19.68
CA VAL A 152 5.90 -11.16 -18.73
C VAL A 152 7.09 -11.41 -17.80
N ILE A 153 7.85 -10.34 -17.55
CA ILE A 153 8.70 -10.23 -16.34
C ILE A 153 8.17 -9.11 -15.42
N LEU A 154 8.02 -9.46 -14.15
CA LEU A 154 7.61 -8.52 -13.13
C LEU A 154 8.80 -8.24 -12.20
N ILE A 155 9.18 -6.98 -12.07
CA ILE A 155 10.32 -6.64 -11.20
C ILE A 155 9.85 -5.78 -10.02
N GLU A 156 10.54 -5.98 -8.89
CA GLU A 156 10.33 -5.23 -7.67
C GLU A 156 11.69 -4.79 -7.11
N LYS A 157 11.87 -3.49 -6.87
CA LYS A 157 13.16 -2.99 -6.32
C LYS A 157 13.41 -3.39 -4.84
N GLU A 158 12.34 -3.57 -4.06
CA GLU A 158 12.42 -3.92 -2.64
C GLU A 158 12.76 -5.42 -2.48
N PRO A 159 13.19 -5.87 -1.30
CA PRO A 159 13.40 -7.31 -1.06
C PRO A 159 12.12 -8.08 -0.89
N VAL A 160 11.01 -7.37 -0.68
CA VAL A 160 9.70 -7.97 -0.36
C VAL A 160 8.65 -7.46 -1.35
N ILE A 161 7.64 -8.28 -1.64
CA ILE A 161 6.55 -7.87 -2.56
C ILE A 161 5.52 -6.93 -1.91
N GLY A 162 4.65 -6.36 -2.72
CA GLY A 162 3.45 -5.79 -2.14
C GLY A 162 3.34 -4.29 -2.00
N GLY A 163 4.44 -3.55 -2.03
CA GLY A 163 4.40 -2.09 -1.85
C GLY A 163 3.53 -1.60 -0.70
N ASN A 164 2.79 -0.51 -0.96
CA ASN A 164 1.83 -0.01 0.00
C ASN A 164 0.55 -0.84 0.03
N ALA A 165 0.27 -1.52 -1.07
CA ALA A 165 -1.01 -2.24 -1.20
C ALA A 165 -1.18 -3.34 -0.15
N LYS A 166 -0.09 -3.99 0.23
CA LYS A 166 -0.15 -4.96 1.31
C LYS A 166 -0.54 -4.41 2.69
N LEU A 167 -0.54 -3.09 2.84
CA LEU A 167 -0.88 -2.41 4.10
C LEU A 167 -2.36 -1.99 4.14
N ALA A 168 -3.07 -2.08 3.01
CA ALA A 168 -4.44 -1.59 2.91
C ALA A 168 -5.36 -2.30 3.89
N ALA A 169 -6.26 -1.54 4.53
CA ALA A 169 -7.09 -2.04 5.62
C ALA A 169 -8.61 -1.93 5.33
N GLY A 170 -9.04 -0.69 5.12
CA GLY A 170 -10.46 -0.34 5.13
C GLY A 170 -11.31 -1.00 4.06
N GLY A 171 -10.79 -1.08 2.83
CA GLY A 171 -11.50 -1.81 1.79
C GLY A 171 -11.29 -1.44 0.33
N MET A 172 -12.04 -2.13 -0.52
CA MET A 172 -11.99 -1.99 -1.97
C MET A 172 -13.38 -1.60 -2.45
N ASN A 173 -13.52 -0.39 -2.97
CA ASN A 173 -14.83 0.12 -3.40
C ASN A 173 -15.31 -0.49 -4.71
N ALA A 174 -16.62 -0.74 -4.78
CA ALA A 174 -17.27 -1.30 -5.96
C ALA A 174 -18.79 -1.23 -5.82
N ALA A 175 -19.46 -1.21 -6.97
CA ALA A 175 -20.93 -1.13 -7.07
C ALA A 175 -21.26 -1.68 -8.46
N TRP A 176 -22.35 -2.43 -8.64
CA TRP A 176 -23.24 -2.89 -7.57
C TRP A 176 -23.02 -4.39 -7.46
N THR A 177 -22.34 -4.83 -6.41
CA THR A 177 -21.85 -6.19 -6.47
C THR A 177 -22.83 -7.20 -5.89
N ASP A 178 -22.66 -8.46 -6.26
CA ASP A 178 -23.32 -9.57 -5.57
C ASP A 178 -23.02 -9.52 -4.10
N GLN A 179 -21.81 -9.10 -3.72
CA GLN A 179 -21.47 -9.04 -2.29
C GLN A 179 -22.35 -8.02 -1.53
N GLN A 180 -22.55 -6.85 -2.14
CA GLN A 180 -23.50 -5.83 -1.62
C GLN A 180 -24.92 -6.37 -1.53
N LYS A 181 -25.38 -6.98 -2.63
CA LYS A 181 -26.72 -7.55 -2.73
C LYS A 181 -26.99 -8.59 -1.64
N ALA A 182 -26.03 -9.47 -1.40
CA ALA A 182 -26.07 -10.43 -0.27
C ALA A 182 -26.15 -9.76 1.11
N LYS A 183 -25.65 -8.53 1.24
CA LYS A 183 -25.74 -7.79 2.51
C LYS A 183 -26.92 -6.81 2.54
N LYS A 184 -27.81 -6.88 1.56
CA LYS A 184 -28.96 -5.93 1.51
C LYS A 184 -28.53 -4.47 1.28
N ILE A 185 -27.46 -4.29 0.50
CA ILE A 185 -27.02 -2.97 0.17
C ILE A 185 -27.46 -2.69 -1.26
N THR A 186 -28.01 -1.49 -1.47
CA THR A 186 -28.42 -0.98 -2.77
C THR A 186 -27.41 0.08 -3.22
N ASP A 187 -26.79 -0.14 -4.37
CA ASP A 187 -25.78 0.80 -4.85
C ASP A 187 -25.89 0.86 -6.38
N SER A 188 -25.07 1.69 -7.02
CA SER A 188 -24.97 1.70 -8.47
C SER A 188 -23.60 2.26 -8.83
N PRO A 189 -23.09 1.86 -10.00
CA PRO A 189 -21.84 2.43 -10.54
C PRO A 189 -21.97 3.94 -10.72
N GLU A 190 -23.17 4.42 -11.12
CA GLU A 190 -23.43 5.88 -11.24
C GLU A 190 -23.28 6.62 -9.89
N LEU A 191 -23.80 6.03 -8.81
CA LEU A 191 -23.68 6.63 -7.48
C LEU A 191 -22.20 6.70 -7.06
N MET A 192 -21.47 5.62 -7.31
CA MET A 192 -20.02 5.59 -7.09
C MET A 192 -19.25 6.66 -7.89
N PHE A 193 -19.55 6.78 -9.18
CA PHE A 193 -19.00 7.84 -10.04
C PHE A 193 -19.27 9.23 -9.40
N GLU A 194 -20.54 9.47 -9.08
CA GLU A 194 -20.98 10.73 -8.52
C GLU A 194 -20.35 11.05 -7.13
N ASP A 195 -20.29 10.07 -6.22
CA ASP A 195 -19.51 10.23 -4.96
C ASP A 195 -18.04 10.57 -5.22
N THR A 196 -17.45 9.89 -6.21
CA THR A 196 -16.02 10.04 -6.49
C THR A 196 -15.71 11.43 -7.08
N MET A 197 -16.50 11.84 -8.07
CA MET A 197 -16.37 13.16 -8.66
C MET A 197 -16.51 14.23 -7.58
N LYS A 198 -17.51 14.11 -6.72
CA LYS A 198 -17.75 15.09 -5.66
C LYS A 198 -16.61 15.12 -4.64
N GLY A 199 -16.11 13.94 -4.31
CA GLY A 199 -15.00 13.77 -3.39
C GLY A 199 -13.72 14.41 -3.87
N GLY A 200 -13.45 14.35 -5.16
CA GLY A 200 -12.25 14.95 -5.72
C GLY A 200 -12.41 16.40 -6.19
N GLN A 201 -13.49 17.05 -5.78
CA GLN A 201 -13.81 18.48 -6.09
C GLN A 201 -13.96 18.74 -7.58
N ASN A 202 -14.51 17.74 -8.26
CA ASN A 202 -14.62 17.75 -9.72
C ASN A 202 -13.33 18.00 -10.50
N ILE A 203 -12.19 17.74 -9.85
CA ILE A 203 -10.89 17.88 -10.48
C ILE A 203 -10.55 16.61 -11.30
N ASN A 204 -11.14 15.47 -10.91
CA ASN A 204 -10.87 14.16 -11.55
C ASN A 204 -11.14 14.24 -13.02
N ASP A 205 -10.40 13.46 -13.80
CA ASP A 205 -10.70 13.24 -15.19
C ASP A 205 -11.94 12.33 -15.23
N PRO A 206 -13.06 12.86 -15.74
CA PRO A 206 -14.35 12.13 -15.77
C PRO A 206 -14.24 10.80 -16.53
N ALA A 207 -13.40 10.76 -17.54
CA ALA A 207 -13.25 9.53 -18.36
C ALA A 207 -12.57 8.40 -17.55
N LEU A 208 -11.60 8.78 -16.73
CA LEU A 208 -10.91 7.85 -15.82
C LEU A 208 -11.82 7.38 -14.68
N VAL A 209 -12.63 8.29 -14.13
CA VAL A 209 -13.58 7.95 -13.06
C VAL A 209 -14.65 6.99 -13.57
N LYS A 210 -15.11 7.19 -14.80
CA LYS A 210 -16.04 6.26 -15.45
C LYS A 210 -15.47 4.82 -15.62
N VAL A 211 -14.22 4.67 -16.02
CA VAL A 211 -13.54 3.36 -15.94
C VAL A 211 -13.55 2.80 -14.51
N LEU A 212 -13.13 3.63 -13.56
CA LEU A 212 -13.11 3.26 -12.15
C LEU A 212 -14.45 2.70 -11.64
N SER A 213 -15.54 3.47 -11.83
CA SER A 213 -16.85 3.03 -11.36
C SER A 213 -17.44 1.85 -12.19
N SER A 214 -17.37 1.96 -13.52
CA SER A 214 -17.93 0.93 -14.44
C SER A 214 -17.21 -0.43 -14.47
N HIS A 215 -15.91 -0.47 -14.16
CA HIS A 215 -15.14 -1.74 -14.08
C HIS A 215 -15.11 -2.28 -12.65
N SER A 216 -15.58 -1.51 -11.67
CA SER A 216 -15.34 -1.85 -10.26
C SER A 216 -15.92 -3.21 -9.85
N LYS A 217 -17.16 -3.49 -10.26
CA LYS A 217 -17.81 -4.79 -10.04
C LYS A 217 -17.04 -5.96 -10.67
N ASP A 218 -16.74 -5.87 -11.95
CA ASP A 218 -15.88 -6.89 -12.62
C ASP A 218 -14.53 -7.14 -11.94
N SER A 219 -13.94 -6.09 -11.36
CA SER A 219 -12.66 -6.22 -10.65
C SER A 219 -12.84 -6.99 -9.33
N VAL A 220 -13.95 -6.76 -8.60
CA VAL A 220 -14.32 -7.55 -7.40
C VAL A 220 -14.60 -9.03 -7.82
N ASP A 221 -15.23 -9.21 -8.97
CA ASP A 221 -15.51 -10.54 -9.54
C ASP A 221 -14.23 -11.28 -9.92
N TRP A 222 -13.30 -10.54 -10.51
CA TRP A 222 -12.04 -11.06 -10.96
C TRP A 222 -11.20 -11.54 -9.78
N MET A 223 -11.12 -10.69 -8.74
CA MET A 223 -10.38 -11.04 -7.54
C MET A 223 -10.98 -12.24 -6.80
N THR A 224 -12.31 -12.27 -6.76
CA THR A 224 -13.05 -13.33 -6.12
C THR A 224 -12.83 -14.66 -6.85
N ALA A 225 -12.93 -14.65 -8.19
CA ALA A 225 -12.64 -15.83 -9.00
C ALA A 225 -11.22 -16.36 -8.74
N MET A 226 -10.26 -15.47 -8.43
CA MET A 226 -8.86 -15.86 -8.17
C MET A 226 -8.66 -16.35 -6.75
N GLY A 227 -9.71 -16.23 -5.94
CA GLY A 227 -9.76 -16.78 -4.59
C GLY A 227 -9.91 -15.78 -3.45
N ALA A 228 -10.10 -14.50 -3.77
CA ALA A 228 -10.21 -13.47 -2.74
C ALA A 228 -11.56 -13.49 -2.01
N ASP A 229 -11.53 -13.22 -0.70
CA ASP A 229 -12.75 -13.02 0.08
C ASP A 229 -13.03 -11.51 0.16
N LEU A 230 -14.08 -11.04 -0.52
CA LEU A 230 -14.44 -9.60 -0.47
C LEU A 230 -15.91 -9.42 -0.04
N THR A 231 -16.34 -10.30 0.87
CA THR A 231 -17.75 -10.40 1.21
C THR A 231 -18.24 -9.47 2.30
N ASP A 232 -17.33 -8.95 3.12
CA ASP A 232 -17.68 -7.97 4.14
C ASP A 232 -17.68 -6.59 3.48
N VAL A 233 -18.76 -5.84 3.64
CA VAL A 233 -18.89 -4.56 2.94
C VAL A 233 -19.12 -3.43 3.96
N GLY A 234 -18.09 -2.64 4.18
CA GLY A 234 -18.11 -1.59 5.20
C GLY A 234 -18.33 -0.20 4.62
N MET A 235 -18.46 0.78 5.53
CA MET A 235 -18.65 2.17 5.17
C MET A 235 -17.35 2.95 5.38
N MET A 236 -17.04 3.80 4.42
CA MET A 236 -15.97 4.81 4.58
C MET A 236 -16.48 6.17 4.18
N GLY A 237 -15.85 7.21 4.70
CA GLY A 237 -16.30 8.58 4.42
C GLY A 237 -16.38 8.93 2.95
N GLY A 238 -17.39 9.75 2.61
CA GLY A 238 -17.59 10.22 1.24
C GLY A 238 -18.41 9.30 0.37
N ALA A 239 -18.78 8.13 0.90
CA ALA A 239 -19.60 7.18 0.16
C ALA A 239 -21.03 7.33 0.65
N SER A 240 -21.96 7.30 -0.30
CA SER A 240 -23.38 7.43 -0.02
C SER A 240 -23.95 6.19 0.60
N VAL A 241 -23.35 5.03 0.33
CA VAL A 241 -23.76 3.74 0.93
C VAL A 241 -22.49 2.89 1.18
N ASN A 242 -22.63 1.80 1.95
CA ASN A 242 -21.54 0.84 2.20
C ASN A 242 -21.06 0.23 0.86
N ARG A 243 -19.81 0.51 0.48
CA ARG A 243 -19.23 -0.15 -0.72
C ARG A 243 -17.76 -0.59 -0.58
N ALA A 244 -17.22 -0.55 0.63
CA ALA A 244 -15.83 -0.91 0.88
C ALA A 244 -15.72 -2.39 1.20
N HIS A 245 -15.34 -3.19 0.18
CA HIS A 245 -15.32 -4.64 0.27
C HIS A 245 -14.00 -5.14 0.90
N ARG A 246 -14.09 -6.11 1.79
CA ARG A 246 -12.91 -6.65 2.43
C ARG A 246 -13.26 -8.05 2.96
N PRO A 247 -12.27 -8.81 3.46
CA PRO A 247 -12.54 -10.15 3.98
C PRO A 247 -13.47 -10.21 5.20
N THR A 248 -14.19 -11.32 5.28
CA THR A 248 -15.03 -11.73 6.42
C THR A 248 -14.56 -11.22 7.78
N GLY A 249 -15.45 -10.53 8.51
CA GLY A 249 -15.15 -10.10 9.88
C GLY A 249 -14.49 -8.74 9.96
N GLY A 250 -14.29 -8.13 8.81
CA GLY A 250 -13.57 -6.85 8.72
C GLY A 250 -12.06 -6.97 8.87
N ALA A 251 -11.45 -8.04 8.34
CA ALA A 251 -9.98 -8.04 8.27
C ALA A 251 -9.44 -7.06 7.17
N GLY A 252 -8.14 -6.80 7.21
CA GLY A 252 -7.49 -5.99 6.18
C GLY A 252 -7.61 -6.49 4.75
N VAL A 253 -7.99 -5.59 3.85
CA VAL A 253 -8.13 -5.96 2.44
C VAL A 253 -6.74 -6.14 1.75
N GLY A 254 -5.74 -5.40 2.22
CA GLY A 254 -4.49 -5.28 1.48
C GLY A 254 -3.60 -6.51 1.42
N ALA A 255 -3.25 -7.02 2.59
CA ALA A 255 -2.36 -8.17 2.70
C ALA A 255 -3.04 -9.34 1.99
N HIS A 256 -4.37 -9.43 2.16
CA HIS A 256 -5.16 -10.48 1.55
C HIS A 256 -5.17 -10.44 0.03
N VAL A 257 -5.59 -9.30 -0.53
CA VAL A 257 -5.57 -9.14 -1.99
C VAL A 257 -4.18 -9.37 -2.61
N VAL A 258 -3.12 -8.89 -1.96
CA VAL A 258 -1.77 -9.09 -2.47
C VAL A 258 -1.33 -10.57 -2.41
N GLN A 259 -1.72 -11.28 -1.34
CA GLN A 259 -1.45 -12.72 -1.21
C GLN A 259 -2.12 -13.56 -2.34
N VAL A 260 -3.39 -13.27 -2.59
CA VAL A 260 -4.16 -13.87 -3.69
C VAL A 260 -3.48 -13.62 -5.06
N LEU A 261 -3.13 -12.36 -5.34
CA LEU A 261 -2.41 -12.00 -6.57
C LEU A 261 -1.06 -12.75 -6.67
N TYR A 262 -0.29 -12.71 -5.59
CA TYR A 262 0.93 -13.52 -5.47
C TYR A 262 0.69 -15.00 -5.82
N ASP A 263 -0.28 -15.65 -5.17
CA ASP A 263 -0.52 -17.07 -5.41
C ASP A 263 -0.86 -17.30 -6.85
N ASN A 264 -1.61 -16.36 -7.42
CA ASN A 264 -2.04 -16.51 -8.80
C ASN A 264 -0.94 -16.31 -9.83
N ALA A 265 0.04 -15.48 -9.47
CA ALA A 265 1.21 -15.24 -10.28
C ALA A 265 2.11 -16.47 -10.26
N VAL A 266 2.34 -17.04 -9.08
CA VAL A 266 3.15 -18.25 -8.88
C VAL A 266 2.54 -19.44 -9.66
N LYS A 267 1.22 -19.61 -9.55
CA LYS A 267 0.49 -20.64 -10.28
C LYS A 267 0.68 -20.56 -11.80
N ARG A 268 0.76 -19.33 -12.35
CA ARG A 268 1.01 -19.12 -13.77
C ARG A 268 2.52 -19.06 -14.06
N ASN A 269 3.33 -19.34 -13.06
CA ASN A 269 4.75 -19.30 -13.31
C ASN A 269 5.32 -17.98 -13.81
N ILE A 270 4.80 -16.87 -13.29
CA ILE A 270 5.27 -15.58 -13.76
C ILE A 270 6.68 -15.31 -13.20
N ASP A 271 7.58 -14.93 -14.07
CA ASP A 271 8.92 -14.53 -13.72
C ASP A 271 8.92 -13.24 -12.87
N LEU A 272 9.08 -13.38 -11.58
CA LEU A 272 9.07 -12.26 -10.65
C LEU A 272 10.49 -12.10 -10.10
N ARG A 273 11.04 -10.90 -10.20
CA ARG A 273 12.43 -10.65 -9.73
C ARG A 273 12.51 -9.58 -8.65
N MET A 274 13.03 -9.97 -7.49
CA MET A 274 13.14 -9.07 -6.35
C MET A 274 14.47 -8.33 -6.43
N ASN A 275 14.61 -7.25 -5.67
CA ASN A 275 15.82 -6.44 -5.60
C ASN A 275 16.26 -6.02 -7.01
N THR A 276 15.28 -5.68 -7.83
CA THR A 276 15.50 -5.39 -9.23
C THR A 276 14.73 -4.07 -9.53
N ARG A 277 15.46 -2.99 -9.73
CA ARG A 277 14.90 -1.67 -9.88
C ARG A 277 14.93 -1.25 -11.36
N GLY A 278 13.76 -0.88 -11.85
CA GLY A 278 13.63 -0.27 -13.16
C GLY A 278 14.25 1.12 -13.14
N ILE A 279 15.18 1.33 -14.08
CA ILE A 279 15.99 2.56 -14.13
C ILE A 279 15.56 3.48 -15.28
N GLU A 280 15.42 2.90 -16.48
CA GLU A 280 15.29 3.72 -17.67
C GLU A 280 14.55 2.97 -18.76
N VAL A 281 13.44 3.54 -19.17
CA VAL A 281 12.67 3.01 -20.27
C VAL A 281 13.45 3.32 -21.55
N LEU A 282 13.63 2.30 -22.38
CA LEU A 282 14.37 2.40 -23.62
C LEU A 282 13.39 2.53 -24.78
N LYS A 283 13.68 3.47 -25.67
CA LYS A 283 12.84 3.77 -26.83
C LYS A 283 13.67 3.64 -28.11
N ASP A 284 13.03 3.17 -29.18
CA ASP A 284 13.66 3.05 -30.47
C ASP A 284 13.73 4.40 -31.19
N ASP A 285 14.21 4.39 -32.43
CA ASP A 285 14.53 5.62 -33.18
C ASP A 285 13.26 6.36 -33.54
N LYS A 286 12.11 5.70 -33.37
CA LYS A 286 10.80 6.29 -33.67
C LYS A 286 10.01 6.67 -32.41
N GLY A 287 10.68 6.59 -31.26
CA GLY A 287 10.04 6.92 -29.98
C GLY A 287 9.07 5.91 -29.37
N THR A 288 9.07 4.68 -29.85
CA THR A 288 8.25 3.67 -29.17
C THR A 288 9.12 2.80 -28.23
N VAL A 289 8.50 2.24 -27.18
CA VAL A 289 9.22 1.40 -26.20
C VAL A 289 9.92 0.19 -26.87
N LYS A 290 11.20 -0.02 -26.54
CA LYS A 290 11.95 -1.20 -27.00
C LYS A 290 12.45 -2.05 -25.82
N GLY A 291 12.31 -1.53 -24.60
CA GLY A 291 12.71 -2.29 -23.43
C GLY A 291 13.01 -1.42 -22.22
N ILE A 292 13.76 -1.98 -21.29
CA ILE A 292 14.03 -1.28 -20.06
C ILE A 292 15.40 -1.68 -19.51
N LEU A 293 16.15 -0.68 -19.07
CA LEU A 293 17.35 -0.87 -18.29
C LEU A 293 16.96 -1.06 -16.82
N VAL A 294 17.48 -2.12 -16.20
CA VAL A 294 17.26 -2.37 -14.80
C VAL A 294 18.60 -2.47 -14.02
N LYS A 295 18.51 -2.33 -12.69
CA LYS A 295 19.64 -2.50 -11.81
C LYS A 295 19.30 -3.57 -10.78
N GLY A 296 19.91 -4.75 -10.90
CA GLY A 296 19.75 -5.74 -9.86
C GLY A 296 20.77 -5.50 -8.75
N MET A 297 20.32 -5.65 -7.52
CA MET A 297 21.18 -5.33 -6.36
C MET A 297 22.45 -6.18 -6.35
N TYR A 298 22.31 -7.39 -6.87
CA TYR A 298 23.32 -8.41 -6.77
C TYR A 298 23.99 -8.64 -8.09
N LYS A 299 23.23 -8.63 -9.18
CA LYS A 299 23.77 -8.96 -10.50
C LYS A 299 24.18 -7.72 -11.32
N GLY A 300 23.80 -6.51 -10.88
CA GLY A 300 24.18 -5.29 -11.57
C GLY A 300 23.19 -4.84 -12.65
N TYR A 301 23.64 -3.95 -13.52
CA TYR A 301 22.82 -3.46 -14.63
C TYR A 301 22.66 -4.48 -15.75
N TYR A 302 21.47 -4.50 -16.34
CA TYR A 302 21.20 -5.28 -17.52
C TYR A 302 19.91 -4.73 -18.16
N TRP A 303 19.60 -5.15 -19.38
CA TRP A 303 18.36 -4.70 -19.96
C TRP A 303 17.52 -5.83 -20.52
N VAL A 304 16.22 -5.55 -20.59
CA VAL A 304 15.23 -6.48 -21.09
C VAL A 304 14.64 -5.85 -22.33
N LYS A 305 14.61 -6.66 -23.40
CA LYS A 305 13.96 -6.28 -24.64
C LYS A 305 12.50 -6.65 -24.55
N ALA A 306 11.64 -5.66 -24.83
CA ALA A 306 10.18 -5.82 -24.69
C ALA A 306 9.41 -4.81 -25.55
N ASP A 307 8.18 -5.16 -25.96
CA ASP A 307 7.35 -4.24 -26.74
C ASP A 307 6.70 -3.17 -25.87
N ALA A 308 6.43 -3.53 -24.61
CA ALA A 308 5.63 -2.75 -23.70
C ALA A 308 6.22 -2.81 -22.30
N VAL A 309 6.19 -1.66 -21.64
CA VAL A 309 6.62 -1.52 -20.25
C VAL A 309 5.43 -0.89 -19.50
N ILE A 310 5.03 -1.53 -18.42
CA ILE A 310 3.93 -1.03 -17.57
C ILE A 310 4.56 -0.51 -16.28
N LEU A 311 4.46 0.80 -16.05
CA LEU A 311 4.91 1.39 -14.80
C LEU A 311 3.80 1.25 -13.75
N ALA A 312 4.11 0.49 -12.69
CA ALA A 312 3.15 0.24 -11.63
C ALA A 312 3.82 0.47 -10.26
N THR A 313 4.50 1.61 -10.14
CA THR A 313 5.48 1.84 -9.08
C THR A 313 4.96 2.54 -7.80
N GLY A 314 3.66 2.83 -7.74
CA GLY A 314 3.09 3.49 -6.59
C GLY A 314 3.37 4.99 -6.50
N GLY A 315 3.09 5.56 -5.32
CA GLY A 315 3.21 7.01 -5.05
C GLY A 315 4.54 7.38 -4.45
N PHE A 316 4.63 8.64 -3.98
CA PHE A 316 5.83 9.19 -3.40
C PHE A 316 5.62 9.74 -1.99
N ALA A 317 4.60 9.21 -1.28
CA ALA A 317 4.19 9.80 0.01
C ALA A 317 5.21 9.61 1.11
N LYS A 318 6.11 8.65 0.95
CA LYS A 318 7.20 8.44 1.90
C LYS A 318 8.29 9.53 1.75
N ASN A 319 8.33 10.17 0.58
CA ASN A 319 9.35 11.16 0.28
C ASN A 319 8.91 12.54 0.74
N ASN A 320 9.13 12.87 2.01
CA ASN A 320 8.66 14.16 2.54
C ASN A 320 9.28 15.42 1.90
N GLU A 321 10.55 15.34 1.53
CA GLU A 321 11.18 16.44 0.77
C GLU A 321 10.40 16.77 -0.51
N ARG A 322 10.04 15.75 -1.29
CA ARG A 322 9.27 15.95 -2.52
C ARG A 322 7.84 16.38 -2.23
N VAL A 323 7.21 15.70 -1.27
CA VAL A 323 5.89 16.10 -0.74
C VAL A 323 5.87 17.60 -0.32
N ALA A 324 6.79 18.05 0.54
CA ALA A 324 6.76 19.45 1.04
C ALA A 324 6.94 20.52 -0.04
N LYS A 325 7.67 20.21 -1.09
CA LYS A 325 7.80 21.18 -2.20
C LYS A 325 6.46 21.39 -2.90
N LEU A 326 5.64 20.34 -2.93
CA LEU A 326 4.31 20.36 -3.57
C LEU A 326 3.18 20.84 -2.63
N ASP A 327 3.28 20.46 -1.36
CA ASP A 327 2.35 20.88 -0.32
C ASP A 327 3.13 21.17 0.98
N PRO A 328 3.55 22.44 1.15
CA PRO A 328 4.32 22.85 2.34
C PRO A 328 3.66 22.57 3.68
N SER A 329 2.32 22.48 3.71
CA SER A 329 1.64 22.13 4.98
C SER A 329 1.91 20.70 5.47
N LEU A 330 2.54 19.85 4.65
CA LEU A 330 2.82 18.46 5.06
C LEU A 330 4.27 18.20 5.45
N LYS A 331 5.08 19.26 5.47
CA LYS A 331 6.49 19.16 5.73
C LYS A 331 6.71 18.69 7.16
N GLY A 332 7.57 17.69 7.33
CA GLY A 332 7.89 17.23 8.66
C GLY A 332 6.91 16.20 9.22
N PHE A 333 5.84 15.90 8.49
CA PHE A 333 4.85 14.89 8.95
C PHE A 333 5.42 13.49 8.79
N ILE A 334 5.01 12.55 9.65
CA ILE A 334 5.31 11.14 9.44
C ILE A 334 4.39 10.62 8.29
N SER A 335 4.82 9.52 7.67
CA SER A 335 4.15 8.86 6.55
C SER A 335 3.56 7.51 6.99
N THR A 336 2.50 7.08 6.33
CA THR A 336 1.97 5.73 6.49
C THR A 336 2.66 4.69 5.60
N ASN A 337 3.62 5.13 4.80
CA ASN A 337 4.08 4.40 3.64
C ASN A 337 5.26 3.47 3.91
N GLN A 338 5.38 2.46 3.04
CA GLN A 338 6.55 1.59 2.91
C GLN A 338 7.80 2.43 2.51
N PRO A 339 9.02 1.99 2.91
CA PRO A 339 10.24 2.82 2.77
C PRO A 339 10.63 3.17 1.34
N GLY A 340 10.22 2.35 0.36
CA GLY A 340 10.54 2.60 -1.04
C GLY A 340 9.59 3.50 -1.81
N ALA A 341 8.54 4.04 -1.15
CA ALA A 341 7.48 4.77 -1.85
C ALA A 341 7.88 6.25 -2.02
N VAL A 342 8.89 6.48 -2.85
CA VAL A 342 9.55 7.78 -2.91
C VAL A 342 9.47 8.47 -4.27
N GLY A 343 8.76 7.85 -5.21
CA GLY A 343 8.48 8.49 -6.50
C GLY A 343 9.51 8.33 -7.58
N ASP A 344 10.42 7.37 -7.44
CA ASP A 344 11.42 7.15 -8.50
C ASP A 344 10.79 6.64 -9.82
N GLY A 345 9.69 5.90 -9.74
CA GLY A 345 8.96 5.49 -10.94
C GLY A 345 8.38 6.66 -11.75
N LEU A 346 8.05 7.75 -11.05
CA LEU A 346 7.65 9.01 -11.72
C LEU A 346 8.81 9.66 -12.46
N ASP A 347 10.01 9.58 -11.88
CA ASP A 347 11.22 10.04 -12.54
C ASP A 347 11.48 9.20 -13.80
N VAL A 348 11.30 7.89 -13.72
CA VAL A 348 11.45 7.00 -14.86
C VAL A 348 10.43 7.36 -15.97
N ALA A 349 9.17 7.52 -15.58
CA ALA A 349 8.14 8.01 -16.50
C ALA A 349 8.49 9.33 -17.23
N GLU A 350 8.90 10.35 -16.48
CA GLU A 350 9.26 11.67 -17.07
C GLU A 350 10.43 11.58 -18.02
N ASN A 351 11.44 10.80 -17.64
CA ASN A 351 12.62 10.61 -18.48
C ASN A 351 12.26 9.96 -19.81
N ALA A 352 11.18 9.15 -19.80
CA ALA A 352 10.68 8.48 -21.00
C ALA A 352 9.73 9.36 -21.81
N GLY A 353 9.55 10.63 -21.40
CA GLY A 353 8.65 11.56 -22.10
C GLY A 353 7.28 11.76 -21.47
N GLY A 354 6.94 10.99 -20.45
CA GLY A 354 5.62 11.12 -19.80
C GLY A 354 5.39 12.43 -19.08
N ALA A 355 4.21 13.03 -19.25
CA ALA A 355 3.82 14.23 -18.48
C ALA A 355 3.20 13.81 -17.14
N LEU A 356 3.39 14.63 -16.09
CA LEU A 356 2.73 14.47 -14.80
C LEU A 356 1.56 15.44 -14.70
N LYS A 357 0.54 15.13 -13.89
CA LYS A 357 -0.56 16.10 -13.59
C LYS A 357 -1.01 15.90 -12.14
N ASP A 358 -1.64 16.93 -11.59
CA ASP A 358 -2.29 16.87 -10.27
C ASP A 358 -1.34 16.58 -9.10
N MET A 359 -0.05 16.84 -9.30
CA MET A 359 1.00 16.53 -8.32
C MET A 359 0.87 17.26 -6.98
N GLN A 360 0.24 18.44 -7.01
CA GLN A 360 0.08 19.28 -5.82
C GLN A 360 -0.93 18.68 -4.83
N TYR A 361 -1.74 17.71 -5.30
CA TYR A 361 -2.81 17.13 -4.47
C TYR A 361 -2.29 15.91 -3.73
N ILE A 362 -1.98 16.10 -2.45
CA ILE A 362 -1.43 15.05 -1.60
C ILE A 362 -2.33 14.83 -0.39
N GLN A 363 -2.72 13.57 -0.15
CA GLN A 363 -3.59 13.26 0.96
C GLN A 363 -2.86 12.92 2.23
N ALA A 364 -3.20 13.63 3.31
CA ALA A 364 -2.90 13.25 4.69
C ALA A 364 -4.02 12.33 5.20
N HIS A 365 -3.64 11.19 5.73
CA HIS A 365 -4.60 10.32 6.40
C HIS A 365 -4.79 10.94 7.81
N PRO A 366 -6.03 11.14 8.24
CA PRO A 366 -6.32 11.78 9.53
C PRO A 366 -5.80 11.02 10.76
N THR A 367 -5.70 9.68 10.69
CA THR A 367 -5.47 8.91 11.91
C THR A 367 -4.31 7.92 11.91
N LEU A 368 -3.11 8.46 12.05
CA LEU A 368 -1.94 7.69 12.40
C LEU A 368 -1.89 7.51 13.91
N SER A 369 -1.50 6.32 14.36
CA SER A 369 -1.26 6.06 15.76
C SER A 369 -0.08 6.91 16.24
N VAL A 370 -0.30 7.74 17.27
CA VAL A 370 0.81 8.53 17.83
C VAL A 370 1.84 7.58 18.44
N LYS A 371 1.34 6.62 19.24
CA LYS A 371 2.16 5.62 19.90
C LYS A 371 2.88 4.64 18.92
N GLY A 372 2.14 4.07 17.96
CA GLY A 372 2.73 3.08 17.03
C GLY A 372 3.37 3.63 15.75
N GLY A 373 3.05 4.88 15.40
CA GLY A 373 3.49 5.46 14.12
C GLY A 373 2.94 4.77 12.87
N VAL A 374 1.84 4.04 13.01
CA VAL A 374 1.24 3.35 11.85
C VAL A 374 -0.19 3.83 11.64
N MET A 375 -0.67 3.69 10.40
CA MET A 375 -2.03 4.02 10.06
C MET A 375 -3.04 3.23 10.89
N VAL A 376 -4.04 3.96 11.38
CA VAL A 376 -5.23 3.36 11.99
C VAL A 376 -6.38 3.55 10.98
N THR A 377 -6.94 2.44 10.54
CA THR A 377 -7.92 2.52 9.47
C THR A 377 -9.14 3.39 9.78
N GLU A 378 -9.53 4.17 8.79
CA GLU A 378 -10.79 4.91 8.77
C GLU A 378 -12.00 3.96 9.01
N ALA A 379 -11.81 2.67 8.76
CA ALA A 379 -12.86 1.68 8.98
C ALA A 379 -13.24 1.59 10.46
N VAL A 380 -12.33 2.01 11.34
CA VAL A 380 -12.64 2.03 12.77
C VAL A 380 -13.78 3.04 13.05
N LYS A 381 -13.65 4.24 12.47
CA LYS A 381 -14.75 5.23 12.44
C LYS A 381 -15.95 4.75 11.62
N GLY A 382 -15.74 4.24 10.40
CA GLY A 382 -16.84 3.72 9.57
C GLY A 382 -17.70 2.73 10.33
N ASN A 383 -17.07 1.90 11.16
CA ASN A 383 -17.78 0.91 11.97
C ASN A 383 -18.34 1.44 13.28
N GLY A 384 -18.08 2.70 13.60
CA GLY A 384 -18.76 3.34 14.71
C GLY A 384 -17.96 4.11 15.76
N ALA A 385 -16.64 4.11 15.66
CA ALA A 385 -15.82 4.85 16.63
C ALA A 385 -16.05 6.35 16.48
N ILE A 386 -15.90 7.08 17.57
CA ILE A 386 -15.85 8.56 17.47
C ILE A 386 -14.43 9.11 17.71
N LEU A 387 -14.27 10.42 17.46
CA LEU A 387 -13.08 11.16 17.86
C LEU A 387 -13.39 12.11 19.02
N VAL A 388 -12.53 12.10 20.03
CA VAL A 388 -12.59 13.09 21.09
C VAL A 388 -11.25 13.86 21.23
N ASN A 389 -11.33 15.11 21.71
CA ASN A 389 -10.11 15.84 22.03
C ASN A 389 -9.73 15.58 23.51
N ARG A 390 -8.66 16.22 24.01
CA ARG A 390 -8.28 15.98 25.39
C ARG A 390 -9.33 16.49 26.41
N GLU A 391 -10.20 17.36 25.94
CA GLU A 391 -11.23 17.94 26.79
C GLU A 391 -12.40 16.96 26.93
N GLY A 392 -12.33 15.85 26.20
CA GLY A 392 -13.35 14.82 26.24
C GLY A 392 -14.56 15.11 25.37
N LYS A 393 -14.38 15.89 24.32
CA LYS A 393 -15.51 16.27 23.49
C LYS A 393 -15.30 15.82 22.05
N ARG A 394 -16.42 15.57 21.37
CA ARG A 394 -16.39 15.46 19.93
C ARG A 394 -16.16 16.85 19.35
N PHE A 395 -15.59 16.91 18.16
CA PHE A 395 -15.16 18.19 17.62
C PHE A 395 -15.29 18.26 16.10
N VAL A 396 -15.74 17.15 15.48
CA VAL A 396 -15.77 17.00 14.02
C VAL A 396 -16.65 15.82 13.66
N ASN A 397 -17.25 15.86 12.46
CA ASN A 397 -17.88 14.71 11.84
C ASN A 397 -16.72 13.79 11.45
N GLU A 398 -16.67 12.61 12.05
CA GLU A 398 -15.47 11.77 12.00
C GLU A 398 -15.19 11.28 10.58
N ILE A 399 -16.27 11.15 9.81
CA ILE A 399 -16.22 10.69 8.43
C ILE A 399 -16.34 11.84 7.39
N THR A 400 -15.99 13.06 7.79
CA THR A 400 -15.85 14.21 6.86
C THR A 400 -14.65 13.91 5.92
N THR A 401 -14.33 14.86 5.04
CA THR A 401 -13.21 14.69 4.09
C THR A 401 -11.91 14.58 4.89
N ARG A 402 -10.94 13.87 4.33
CA ARG A 402 -9.72 13.62 5.08
C ARG A 402 -8.93 14.87 5.38
N ASP A 403 -8.98 15.84 4.45
CA ASP A 403 -8.32 17.12 4.65
C ASP A 403 -8.97 17.88 5.82
N LYS A 404 -10.30 17.88 5.89
CA LYS A 404 -10.98 18.53 7.01
C LYS A 404 -10.82 17.77 8.34
N ALA A 405 -10.94 16.44 8.32
CA ALA A 405 -10.64 15.63 9.53
C ALA A 405 -9.23 15.90 10.10
N SER A 406 -8.25 15.89 9.22
CA SER A 406 -6.86 16.18 9.58
C SER A 406 -6.70 17.58 10.18
N ALA A 407 -7.25 18.58 9.49
CA ALA A 407 -7.27 19.96 9.97
C ALA A 407 -7.90 20.04 11.36
N ALA A 408 -9.09 19.46 11.51
CA ALA A 408 -9.76 19.38 12.82
C ALA A 408 -8.88 18.78 13.94
N ILE A 409 -8.23 17.65 13.67
CA ILE A 409 -7.40 17.00 14.70
C ILE A 409 -6.21 17.89 15.07
N LEU A 410 -5.56 18.46 14.07
CA LEU A 410 -4.40 19.33 14.32
C LEU A 410 -4.80 20.60 15.10
N ALA A 411 -6.07 21.04 14.97
CA ALA A 411 -6.63 22.18 15.73
C ALA A 411 -6.87 21.95 17.23
N GLN A 412 -6.76 20.70 17.69
CA GLN A 412 -7.03 20.33 19.06
C GLN A 412 -5.81 20.43 19.97
N THR A 413 -6.08 20.56 21.26
CA THR A 413 -5.02 20.61 22.28
C THR A 413 -4.08 19.43 22.10
N GLY A 414 -2.80 19.74 21.84
CA GLY A 414 -1.76 18.74 21.68
C GLY A 414 -1.58 18.27 20.24
N LYS A 415 -2.42 18.78 19.33
CA LYS A 415 -2.36 18.46 17.90
C LYS A 415 -2.68 16.98 17.60
N SER A 416 -3.40 16.34 18.53
CA SER A 416 -3.83 14.96 18.40
C SER A 416 -5.21 14.76 19.05
N ALA A 417 -5.82 13.62 18.76
CA ALA A 417 -7.16 13.33 19.21
C ALA A 417 -7.17 11.86 19.57
N TYR A 418 -8.32 11.38 20.03
CA TYR A 418 -8.48 9.99 20.40
C TYR A 418 -9.69 9.38 19.70
N LEU A 419 -9.46 8.26 19.02
CA LEU A 419 -10.54 7.34 18.65
C LEU A 419 -11.07 6.72 19.92
N ILE A 420 -12.40 6.74 20.07
CA ILE A 420 -13.05 6.16 21.23
C ILE A 420 -14.07 5.14 20.74
N PHE A 421 -13.99 3.93 21.29
CA PHE A 421 -14.93 2.87 20.91
C PHE A 421 -15.08 1.81 22.01
N ASP A 422 -15.97 0.85 21.76
CA ASP A 422 -16.34 -0.17 22.72
C ASP A 422 -16.13 -1.55 22.10
N ASP A 423 -16.57 -2.60 22.79
CA ASP A 423 -16.50 -3.99 22.29
C ASP A 423 -17.42 -4.30 21.11
N SER A 424 -18.54 -3.61 20.99
CA SER A 424 -19.38 -3.86 19.80
C SER A 424 -18.71 -3.42 18.50
N VAL A 425 -18.11 -2.22 18.51
CA VAL A 425 -17.25 -1.79 17.40
C VAL A 425 -16.07 -2.77 17.22
N ARG A 426 -15.40 -3.12 18.31
CA ARG A 426 -14.25 -4.02 18.21
C ARG A 426 -14.61 -5.36 17.53
N LYS A 427 -15.69 -5.99 17.96
CA LYS A 427 -16.12 -7.26 17.39
C LYS A 427 -16.59 -7.13 15.93
N SER A 428 -17.04 -5.95 15.51
CA SER A 428 -17.48 -5.74 14.11
C SER A 428 -16.33 -5.62 13.07
N LEU A 429 -15.10 -5.39 13.53
CA LEU A 429 -13.96 -5.16 12.64
C LEU A 429 -12.71 -5.81 13.21
N SER A 430 -12.42 -7.04 12.80
CA SER A 430 -11.29 -7.77 13.39
C SER A 430 -9.97 -7.00 13.26
N LYS A 431 -9.88 -6.06 12.30
CA LYS A 431 -8.64 -5.29 12.14
C LYS A 431 -8.32 -4.58 13.46
N ILE A 432 -9.35 -4.21 14.24
CA ILE A 432 -9.12 -3.50 15.52
C ILE A 432 -8.27 -4.33 16.50
N ASP A 433 -8.40 -5.64 16.43
CA ASP A 433 -7.59 -6.53 17.28
C ASP A 433 -6.11 -6.41 16.95
N LYS A 434 -5.79 -5.97 15.74
CA LYS A 434 -4.40 -5.75 15.37
C LYS A 434 -3.80 -4.54 16.10
N TYR A 435 -4.61 -3.49 16.28
CA TYR A 435 -4.17 -2.30 17.05
C TYR A 435 -3.99 -2.63 18.54
N ILE A 436 -4.90 -3.47 19.06
CA ILE A 436 -4.81 -3.90 20.46
C ILE A 436 -3.55 -4.73 20.65
N GLY A 437 -3.30 -5.70 19.75
CA GLY A 437 -2.04 -6.46 19.76
C GLY A 437 -0.77 -5.58 19.66
N LEU A 438 -0.81 -4.53 18.84
CA LEU A 438 0.31 -3.60 18.75
C LEU A 438 0.56 -2.83 20.06
N GLY A 439 -0.46 -2.73 20.91
CA GLY A 439 -0.34 -2.06 22.21
C GLY A 439 -0.76 -0.59 22.18
N VAL A 440 -1.54 -0.20 21.18
CA VAL A 440 -1.88 1.22 20.97
C VAL A 440 -3.37 1.53 21.23
N ALA A 441 -4.07 0.57 21.81
CA ALA A 441 -5.47 0.72 22.14
C ALA A 441 -5.76 0.39 23.64
N PRO A 442 -5.27 1.24 24.56
CA PRO A 442 -5.52 1.07 25.99
C PRO A 442 -7.00 1.00 26.27
N THR A 443 -7.36 0.21 27.29
CA THR A 443 -8.75 -0.17 27.55
C THR A 443 -9.07 -0.01 29.05
N ALA A 444 -10.34 0.18 29.39
CA ALA A 444 -10.81 0.19 30.78
C ALA A 444 -12.31 -0.13 30.78
N ASP A 445 -12.85 -0.58 31.92
CA ASP A 445 -14.30 -0.85 32.02
C ASP A 445 -15.20 0.39 32.21
N SER A 446 -14.58 1.55 32.42
CA SER A 446 -15.33 2.81 32.36
C SER A 446 -14.54 3.90 31.63
N LEU A 447 -15.28 4.89 31.11
CA LEU A 447 -14.68 6.06 30.44
C LEU A 447 -13.97 7.03 31.40
N VAL A 448 -14.44 7.11 32.65
CA VAL A 448 -13.71 7.87 33.67
C VAL A 448 -12.31 7.27 33.89
N LYS A 449 -12.22 5.95 34.05
CA LYS A 449 -10.91 5.31 34.22
C LYS A 449 -10.05 5.50 32.95
N LEU A 450 -10.63 5.22 31.78
CA LEU A 450 -9.94 5.39 30.50
C LEU A 450 -9.41 6.82 30.33
N GLY A 451 -10.25 7.82 30.56
CA GLY A 451 -9.82 9.22 30.47
C GLY A 451 -8.66 9.55 31.40
N LYS A 452 -8.72 9.03 32.63
CA LYS A 452 -7.64 9.20 33.59
C LYS A 452 -6.33 8.56 33.13
N MET A 453 -6.41 7.33 32.58
CA MET A 453 -5.24 6.69 31.97
C MET A 453 -4.60 7.53 30.85
N GLU A 454 -5.42 8.18 30.02
CA GLU A 454 -4.94 8.81 28.78
C GLU A 454 -4.81 10.31 28.82
N GLY A 455 -5.19 10.94 29.93
CA GLY A 455 -5.17 12.42 29.99
C GLY A 455 -6.33 13.03 29.24
N ILE A 456 -7.47 12.36 29.24
CA ILE A 456 -8.68 12.93 28.69
C ILE A 456 -9.61 13.23 29.85
N ASP A 457 -10.28 14.39 29.82
CA ASP A 457 -11.28 14.70 30.84
C ASP A 457 -12.35 13.59 30.94
N GLY A 458 -12.30 12.82 32.04
CA GLY A 458 -13.09 11.59 32.21
C GLY A 458 -14.61 11.75 32.43
N LYS A 459 -15.00 12.76 33.20
CA LYS A 459 -16.44 13.16 33.31
C LYS A 459 -16.98 13.71 31.95
N ALA A 460 -16.22 14.60 31.32
CA ALA A 460 -16.65 15.09 30.01
C ALA A 460 -16.76 13.99 28.95
N LEU A 461 -15.80 13.05 28.98
CA LEU A 461 -15.80 11.89 28.08
C LEU A 461 -17.01 10.97 28.28
N THR A 462 -17.31 10.70 29.56
CA THR A 462 -18.52 9.94 29.93
C THR A 462 -19.78 10.58 29.34
N GLU A 463 -19.89 11.90 29.52
CA GLU A 463 -21.06 12.63 29.10
C GLU A 463 -21.12 12.72 27.57
N THR A 464 -19.95 12.83 26.95
CA THR A 464 -19.87 12.88 25.47
C THR A 464 -20.40 11.59 24.79
N VAL A 465 -20.02 10.44 25.33
CA VAL A 465 -20.48 9.15 24.84
C VAL A 465 -21.95 8.92 25.17
N ALA A 466 -22.39 9.31 26.37
CA ALA A 466 -23.84 9.22 26.67
C ALA A 466 -24.64 10.08 25.66
N ARG A 467 -24.15 11.30 25.39
CA ARG A 467 -24.80 12.19 24.43
C ARG A 467 -24.74 11.67 22.99
N TYR A 468 -23.58 11.18 22.56
CA TYR A 468 -23.45 10.56 21.23
C TYR A 468 -24.41 9.37 21.03
N ASN A 469 -24.49 8.50 22.03
CA ASN A 469 -25.31 7.32 21.94
C ASN A 469 -26.79 7.70 21.83
N SER A 470 -27.17 8.77 22.53
CA SER A 470 -28.52 9.30 22.38
C SER A 470 -28.79 9.74 20.95
N LEU A 471 -27.77 10.34 20.31
CA LEU A 471 -27.87 10.81 18.93
C LEU A 471 -27.99 9.68 17.93
N VAL A 472 -27.25 8.59 18.17
CA VAL A 472 -27.35 7.32 17.44
C VAL A 472 -28.79 6.71 17.45
N SER A 473 -29.39 6.57 18.64
CA SER A 473 -30.77 6.03 18.77
C SER A 473 -31.84 6.90 18.10
N SER A 474 -31.68 8.22 18.18
CA SER A 474 -32.60 9.14 17.55
C SER A 474 -32.33 9.26 16.04
N GLY A 475 -31.17 8.74 15.61
CA GLY A 475 -30.80 8.67 14.20
C GLY A 475 -30.30 9.94 13.53
N LYS A 476 -29.97 10.98 14.30
CA LYS A 476 -29.39 12.20 13.70
C LYS A 476 -28.35 12.88 14.58
N ASP A 477 -27.21 13.23 13.98
CA ASP A 477 -26.14 13.89 14.71
C ASP A 477 -26.27 15.41 14.51
N THR A 478 -27.05 16.02 15.40
CA THR A 478 -27.35 17.44 15.37
C THR A 478 -26.13 18.25 15.80
N ASP A 479 -25.14 17.57 16.37
CA ASP A 479 -23.87 18.20 16.74
C ASP A 479 -22.87 18.42 15.59
N PHE A 480 -22.57 17.39 14.79
CA PHE A 480 -21.55 17.54 13.71
C PHE A 480 -22.02 16.98 12.38
N GLU A 481 -23.26 16.52 12.37
CA GLU A 481 -23.92 16.11 11.16
C GLU A 481 -23.25 14.88 10.54
N ARG A 482 -22.66 14.04 11.38
CA ARG A 482 -22.20 12.74 10.93
C ARG A 482 -23.37 11.98 10.27
N PRO A 483 -23.25 11.67 8.98
CA PRO A 483 -24.37 11.10 8.21
C PRO A 483 -24.61 9.61 8.43
N ASN A 484 -23.70 8.93 9.11
CA ASN A 484 -23.81 7.49 9.32
C ASN A 484 -23.46 7.16 10.77
N LEU A 485 -24.42 6.58 11.50
CA LEU A 485 -24.32 6.38 12.96
C LEU A 485 -24.67 4.95 13.30
N PRO A 486 -23.73 4.03 13.05
CA PRO A 486 -24.08 2.61 12.99
C PRO A 486 -24.23 1.91 14.33
N ARG A 487 -23.64 2.44 15.39
CA ARG A 487 -23.50 1.72 16.66
C ARG A 487 -23.46 2.66 17.85
N ALA A 488 -24.13 2.28 18.93
CA ALA A 488 -23.96 2.95 20.21
C ALA A 488 -22.74 2.35 20.88
N LEU A 489 -21.99 3.18 21.62
CA LEU A 489 -20.79 2.72 22.30
C LEU A 489 -21.14 2.37 23.73
N ASN A 490 -21.63 1.17 23.91
CA ASN A 490 -22.21 0.76 25.21
C ASN A 490 -22.11 -0.74 25.47
N GLU A 491 -21.26 -1.45 24.73
CA GLU A 491 -21.04 -2.87 25.03
C GLU A 491 -19.64 -3.11 25.58
N GLY A 492 -19.58 -3.72 26.75
CA GLY A 492 -18.30 -4.17 27.34
C GLY A 492 -17.35 -3.04 27.68
N ASN A 493 -16.06 -3.23 27.39
CA ASN A 493 -15.03 -2.23 27.71
C ASN A 493 -14.92 -1.12 26.67
N TYR A 494 -14.14 -0.09 27.02
CA TYR A 494 -13.90 1.07 26.15
C TYR A 494 -12.42 1.15 25.82
N TYR A 495 -12.16 1.67 24.62
CA TYR A 495 -10.80 1.77 24.07
C TYR A 495 -10.58 3.20 23.59
N ALA A 496 -9.34 3.68 23.79
CA ALA A 496 -8.84 4.93 23.22
C ALA A 496 -7.60 4.63 22.36
N ILE A 497 -7.52 5.26 21.18
CA ILE A 497 -6.26 5.29 20.38
C ILE A 497 -5.89 6.75 20.09
N GLU A 498 -4.73 7.16 20.54
CA GLU A 498 -4.25 8.51 20.21
C GLU A 498 -3.83 8.55 18.76
N VAL A 499 -4.36 9.53 18.03
CA VAL A 499 -4.17 9.61 16.56
C VAL A 499 -3.78 11.02 16.12
N THR A 500 -3.08 11.09 14.99
CA THR A 500 -2.64 12.35 14.41
C THR A 500 -2.40 12.13 12.91
N PRO A 501 -2.53 13.18 12.08
CA PRO A 501 -2.37 13.01 10.62
C PRO A 501 -0.96 12.64 10.16
N GLY A 502 -0.91 11.89 9.05
CA GLY A 502 0.35 11.47 8.43
C GLY A 502 0.17 11.50 6.92
N VAL A 503 1.27 11.63 6.17
CA VAL A 503 1.21 11.66 4.71
C VAL A 503 0.93 10.24 4.17
N HIS A 504 -0.05 10.10 3.27
CA HIS A 504 -0.63 8.82 2.92
C HIS A 504 -0.63 8.46 1.43
N HIS A 505 -1.06 9.40 0.61
CA HIS A 505 -1.41 9.10 -0.81
C HIS A 505 -1.15 10.29 -1.69
N THR A 506 -0.53 10.04 -2.84
CA THR A 506 -0.27 11.12 -3.76
C THR A 506 -1.21 10.92 -4.96
N MET A 507 -2.24 11.78 -5.06
CA MET A 507 -3.27 11.70 -6.13
C MET A 507 -2.74 12.03 -7.54
N GLY A 508 -1.67 12.80 -7.62
CA GLY A 508 -1.03 13.07 -8.93
C GLY A 508 -0.09 11.99 -9.41
N GLY A 509 0.44 12.21 -10.60
CA GLY A 509 1.46 11.35 -11.21
C GLY A 509 1.33 11.41 -12.71
N VAL A 510 1.69 10.30 -13.38
CA VAL A 510 1.69 10.22 -14.84
C VAL A 510 0.28 10.30 -15.46
N MET A 511 0.13 11.16 -16.48
CA MET A 511 -1.07 11.22 -17.31
C MET A 511 -1.24 9.97 -18.13
N ILE A 512 -2.36 9.31 -17.89
CA ILE A 512 -2.76 8.18 -18.67
C ILE A 512 -4.12 8.48 -19.30
N ASP A 513 -4.44 7.80 -20.39
CA ASP A 513 -5.77 7.76 -20.97
C ASP A 513 -6.54 6.53 -20.44
N THR A 514 -7.73 6.29 -21.01
CA THR A 514 -8.58 5.20 -20.52
C THR A 514 -8.06 3.82 -20.87
N LYS A 515 -6.98 3.77 -21.63
CA LYS A 515 -6.32 2.52 -21.98
C LYS A 515 -5.07 2.30 -21.14
N ALA A 516 -4.86 3.18 -20.13
CA ALA A 516 -3.63 3.23 -19.31
C ALA A 516 -2.34 3.54 -20.09
N GLU A 517 -2.49 4.01 -21.34
CA GLU A 517 -1.37 4.53 -22.13
C GLU A 517 -0.87 5.88 -21.57
N VAL A 518 0.43 5.95 -21.33
CA VAL A 518 1.09 7.19 -20.90
C VAL A 518 1.18 8.24 -22.05
N MET A 519 0.89 9.49 -21.71
CA MET A 519 0.92 10.58 -22.67
C MET A 519 1.93 11.60 -22.25
N ASN A 520 2.46 12.28 -23.27
CA ASN A 520 3.36 13.39 -23.06
C ASN A 520 2.58 14.70 -22.84
N ALA A 521 3.31 15.80 -22.70
CA ALA A 521 2.72 17.10 -22.40
C ALA A 521 1.81 17.60 -23.53
N LYS A 522 2.06 17.12 -24.75
CA LYS A 522 1.21 17.44 -25.90
C LYS A 522 -0.04 16.55 -25.95
N LYS A 523 -0.17 15.66 -24.95
CA LYS A 523 -1.24 14.67 -24.91
C LYS A 523 -1.13 13.62 -26.03
N GLN A 524 0.09 13.41 -26.53
CA GLN A 524 0.39 12.31 -27.47
C GLN A 524 0.79 11.04 -26.72
N VAL A 525 0.19 9.92 -27.08
CA VAL A 525 0.55 8.60 -26.53
C VAL A 525 2.02 8.27 -26.79
N ILE A 526 2.71 7.76 -25.76
CA ILE A 526 4.03 7.16 -25.97
C ILE A 526 3.82 5.67 -26.21
N PRO A 527 4.00 5.20 -27.46
CA PRO A 527 3.59 3.80 -27.81
C PRO A 527 4.43 2.74 -27.05
N GLY A 528 3.73 1.80 -26.39
CA GLY A 528 4.36 0.76 -25.58
C GLY A 528 4.51 1.12 -24.10
N LEU A 529 4.24 2.36 -23.74
CA LEU A 529 4.37 2.77 -22.33
C LEU A 529 3.02 2.92 -21.65
N TYR A 530 2.89 2.23 -20.51
CA TYR A 530 1.67 2.17 -19.71
C TYR A 530 1.96 2.55 -18.26
N GLY A 531 0.88 2.94 -17.56
CA GLY A 531 0.93 3.37 -16.16
C GLY A 531 -0.36 2.97 -15.49
N ALA A 532 -0.24 2.45 -14.28
CA ALA A 532 -1.37 1.91 -13.54
C ALA A 532 -1.16 2.04 -12.04
N GLY A 533 -2.19 2.51 -11.34
CA GLY A 533 -2.18 2.56 -9.87
C GLY A 533 -1.81 3.94 -9.35
N GLU A 534 -1.31 3.99 -8.13
CA GLU A 534 -1.02 5.30 -7.50
C GLU A 534 0.03 6.09 -8.26
N VAL A 535 0.82 5.43 -9.11
CA VAL A 535 1.80 6.15 -9.97
C VAL A 535 1.12 7.16 -10.91
N THR A 536 -0.17 6.96 -11.22
CA THR A 536 -0.87 7.81 -12.17
C THR A 536 -1.61 9.03 -11.53
N GLY A 537 -1.94 10.03 -12.34
CA GLY A 537 -2.80 11.13 -11.90
C GLY A 537 -4.05 11.17 -12.75
N GLY A 538 -5.04 11.94 -12.29
CA GLY A 538 -6.33 12.08 -13.01
C GLY A 538 -7.49 11.28 -12.44
N VAL A 539 -7.20 10.12 -11.82
CA VAL A 539 -8.30 9.25 -11.35
C VAL A 539 -9.05 9.88 -10.13
N HIS A 540 -8.29 10.46 -9.19
CA HIS A 540 -8.79 10.84 -7.87
C HIS A 540 -8.92 12.35 -7.62
N GLY A 541 -8.50 13.14 -8.60
CA GLY A 541 -8.61 14.61 -8.53
C GLY A 541 -7.89 15.15 -7.33
N ALA A 542 -8.59 16.02 -6.60
CA ALA A 542 -8.02 16.78 -5.50
C ALA A 542 -8.03 16.04 -4.17
N ASN A 543 -8.78 14.95 -4.11
CA ASN A 543 -8.97 14.18 -2.88
C ASN A 543 -9.50 12.79 -3.21
N ARG A 544 -8.79 11.78 -2.75
CA ARG A 544 -9.22 10.40 -2.91
C ARG A 544 -10.15 9.91 -1.80
N LEU A 545 -11.25 9.28 -2.20
CA LEU A 545 -12.12 8.51 -1.30
C LEU A 545 -11.43 7.24 -0.79
N GLY A 546 -11.58 6.95 0.51
CA GLY A 546 -11.10 5.71 1.13
C GLY A 546 -11.76 4.54 0.43
N GLY A 547 -10.97 3.51 0.12
CA GLY A 547 -11.44 2.36 -0.67
C GLY A 547 -11.24 2.46 -2.20
N ASN A 548 -11.03 3.68 -2.68
CA ASN A 548 -10.93 3.94 -4.12
C ASN A 548 -9.55 3.65 -4.73
N ALA A 549 -8.51 3.60 -3.90
CA ALA A 549 -7.19 3.21 -4.43
C ALA A 549 -7.05 1.72 -4.75
N ILE A 550 -7.52 0.84 -3.86
CA ILE A 550 -7.49 -0.61 -4.15
C ILE A 550 -8.35 -0.93 -5.38
N SER A 551 -9.49 -0.24 -5.46
CA SER A 551 -10.31 -0.34 -6.68
C SER A 551 -9.53 0.04 -7.99
N ASP A 552 -8.95 1.22 -7.98
CA ASP A 552 -8.11 1.75 -9.02
C ASP A 552 -6.97 0.77 -9.45
N ILE A 553 -6.15 0.30 -8.51
CA ILE A 553 -4.97 -0.52 -8.85
C ILE A 553 -5.35 -1.85 -9.52
N ILE A 554 -6.45 -2.45 -9.07
CA ILE A 554 -6.92 -3.69 -9.67
C ILE A 554 -7.50 -3.41 -11.08
N THR A 555 -8.41 -2.43 -11.14
CA THR A 555 -9.01 -2.04 -12.43
C THR A 555 -7.98 -1.59 -13.50
N PHE A 556 -7.16 -0.60 -13.14
CA PHE A 556 -6.18 -0.06 -14.09
C PHE A 556 -4.99 -0.99 -14.34
N GLY A 557 -4.52 -1.66 -13.30
CA GLY A 557 -3.54 -2.75 -13.45
C GLY A 557 -4.01 -3.82 -14.45
N ARG A 558 -5.21 -4.36 -14.25
CA ARG A 558 -5.73 -5.43 -15.11
C ARG A 558 -5.88 -4.97 -16.58
N LEU A 559 -6.49 -3.78 -16.73
CA LEU A 559 -6.68 -3.15 -18.03
C LEU A 559 -5.34 -2.85 -18.76
N ALA A 560 -4.36 -2.27 -18.06
CA ALA A 560 -3.02 -2.08 -18.64
C ALA A 560 -2.36 -3.37 -19.18
N GLY A 561 -2.50 -4.47 -18.44
CA GLY A 561 -1.91 -5.74 -18.82
C GLY A 561 -2.57 -6.26 -20.10
N GLU A 562 -3.91 -6.14 -20.17
CA GLU A 562 -4.64 -6.51 -21.38
C GLU A 562 -4.26 -5.64 -22.58
N GLU A 563 -4.24 -4.33 -22.38
CA GLU A 563 -3.85 -3.38 -23.44
C GLU A 563 -2.43 -3.59 -23.93
N ALA A 564 -1.48 -3.74 -22.98
CA ALA A 564 -0.07 -4.00 -23.33
C ALA A 564 0.14 -5.33 -24.10
N ALA A 565 -0.61 -6.36 -23.72
CA ALA A 565 -0.55 -7.65 -24.40
C ALA A 565 -1.08 -7.56 -25.84
N LYS A 566 -2.20 -6.84 -26.03
CA LYS A 566 -2.77 -6.64 -27.38
C LYS A 566 -1.83 -5.77 -28.21
N TYR A 567 -1.25 -4.74 -27.61
CA TYR A 567 -0.27 -3.90 -28.29
C TYR A 567 0.97 -4.75 -28.75
N SER A 568 1.51 -5.46 -27.76
CA SER A 568 1.98 -6.85 -27.88
C SER A 568 3.38 -7.09 -27.42
NA NA B . -1.31 9.21 -8.10
FE HEC C . 28.92 -15.73 0.06
CHA HEC C . 27.71 -12.99 -1.67
CHB HEC C . 31.86 -15.54 -1.63
CHC HEC C . 30.31 -18.24 2.15
CHD HEC C . 25.84 -16.38 1.33
NA HEC C . 29.63 -14.49 -1.39
C1A HEC C . 29.00 -13.41 -1.96
C2A HEC C . 29.90 -12.78 -2.90
C3A HEC C . 31.04 -13.48 -2.89
C4A HEC C . 30.90 -14.58 -1.93
CMA HEC C . 32.33 -13.20 -3.75
CAA HEC C . 29.59 -11.54 -3.78
CBA HEC C . 29.39 -12.06 -5.23
CGA HEC C . 28.92 -10.99 -6.21
O1A HEC C . 28.62 -11.36 -7.39
O2A HEC C . 28.83 -9.79 -5.82
NB HEC C . 30.78 -16.70 0.26
C1B HEC C . 31.84 -16.45 -0.59
C2B HEC C . 32.94 -17.30 -0.13
C3B HEC C . 32.49 -18.05 0.92
C4B HEC C . 31.13 -17.69 1.17
CMB HEC C . 34.33 -17.37 -0.81
CAB HEC C . 33.25 -19.09 1.78
CBB HEC C . 34.30 -18.71 2.57
NC HEC C . 28.19 -17.10 1.46
C1C HEC C . 28.95 -17.96 2.27
C2C HEC C . 28.07 -18.52 3.26
C3C HEC C . 26.84 -18.00 3.06
C4C HEC C . 26.89 -17.09 1.90
CMC HEC C . 28.54 -19.53 4.36
CAC HEC C . 25.60 -18.34 3.94
CBC HEC C . 25.61 -18.23 5.30
ND HEC C . 27.00 -14.79 -0.18
C1D HEC C . 25.88 -15.26 0.49
C2D HEC C . 24.78 -14.35 0.20
C3D HEC C . 25.36 -13.29 -0.74
C4D HEC C . 26.76 -13.65 -0.91
CMD HEC C . 23.35 -14.44 0.76
CAD HEC C . 24.66 -12.05 -1.35
CBD HEC C . 25.18 -10.82 -0.57
CGD HEC C . 25.18 -11.00 0.97
O1D HEC C . 26.18 -10.70 1.64
O2D HEC C . 24.15 -11.39 1.57
FE HEC D . 22.39 -20.68 9.47
CHA HEC D . 23.27 -20.19 12.75
CHB HEC D . 20.65 -17.69 9.48
CHC HEC D . 22.23 -20.84 6.06
CHD HEC D . 23.14 -24.02 9.64
NA HEC D . 22.03 -19.20 10.86
C1A HEC D . 22.52 -19.18 12.16
C2A HEC D . 22.13 -17.91 12.74
C3A HEC D . 21.40 -17.22 11.84
C4A HEC D . 21.32 -18.03 10.64
CMA HEC D . 20.75 -15.80 11.99
CAA HEC D . 22.54 -17.44 14.15
CBA HEC D . 24.01 -16.97 14.06
CGA HEC D . 24.53 -16.48 15.41
O1A HEC D . 25.44 -15.61 15.48
O2A HEC D . 24.01 -16.96 16.44
NB HEC D . 21.56 -19.47 8.02
C1B HEC D . 20.96 -18.25 8.26
C2B HEC D . 20.78 -17.65 6.96
C3B HEC D . 21.19 -18.51 6.02
C4B HEC D . 21.73 -19.69 6.66
CMB HEC D . 20.07 -16.29 6.75
CAB HEC D . 21.20 -18.26 4.49
CBB HEC D . 21.85 -17.14 4.07
NC HEC D . 22.54 -22.19 8.07
C1C HEC D . 22.59 -22.00 6.71
C2C HEC D . 23.02 -23.25 6.11
C3C HEC D . 23.33 -24.10 7.12
C4C HEC D . 23.02 -23.47 8.38
CMC HEC D . 23.26 -23.45 4.58
CAC HEC D . 23.88 -25.57 7.03
CBC HEC D . 24.25 -26.20 5.92
ND HEC D . 23.12 -21.94 11.04
C1D HEC D . 23.31 -23.33 10.84
C2D HEC D . 23.75 -23.87 12.11
C3D HEC D . 23.80 -22.67 13.07
C4D HEC D . 23.39 -21.50 12.31
CMD HEC D . 24.08 -25.35 12.45
CAD HEC D . 24.17 -22.72 14.57
CBD HEC D . 22.83 -22.75 15.33
CGD HEC D . 22.09 -24.06 15.14
O1D HEC D . 22.63 -25.15 15.51
O2D HEC D . 20.95 -24.04 14.63
FE HEC E . 15.59 -14.34 10.88
CHA HEC E . 16.55 -14.25 14.18
CHB HEC E . 16.97 -17.42 10.52
CHC HEC E . 14.19 -14.52 7.71
CHD HEC E . 14.59 -10.98 11.07
NA HEC E . 16.61 -15.62 12.15
C1A HEC E . 16.88 -15.39 13.48
C2A HEC E . 17.57 -16.58 13.95
C3A HEC E . 17.67 -17.46 12.92
C4A HEC E . 17.07 -16.86 11.77
CMA HEC E . 18.30 -18.87 12.87
CAA HEC E . 18.08 -16.77 15.41
CBA HEC E . 17.02 -17.58 16.16
CGA HEC E . 17.45 -17.80 17.60
O1A HEC E . 18.38 -18.63 17.84
O2A HEC E . 16.86 -17.16 18.52
NB HEC E . 15.57 -15.69 9.38
C1B HEC E . 16.17 -16.95 9.49
C2B HEC E . 15.78 -17.72 8.33
C3B HEC E . 15.00 -16.95 7.55
C4B HEC E . 14.86 -15.65 8.18
CMB HEC E . 16.26 -19.17 8.05
CAB HEC E . 14.39 -17.45 6.22
CBB HEC E . 13.47 -18.44 6.26
NC HEC E . 14.58 -12.96 9.61
C1C HEC E . 14.10 -13.29 8.35
C2C HEC E . 13.48 -12.09 7.82
C3C HEC E . 13.52 -11.14 8.80
C4C HEC E . 14.26 -11.66 9.93
CMC HEC E . 12.76 -12.10 6.47
CAC HEC E . 12.97 -9.70 8.76
CBC HEC E . 11.73 -9.40 8.32
ND HEC E . 15.60 -12.82 12.38
C1D HEC E . 15.07 -11.53 12.24
C2D HEC E . 15.09 -10.88 13.52
C3D HEC E . 15.70 -11.90 14.46
C4D HEC E . 15.96 -13.08 13.69
CMD HEC E . 14.64 -9.44 13.92
CAD HEC E . 15.88 -11.70 15.97
CBD HEC E . 14.56 -12.27 16.53
CGD HEC E . 14.21 -11.71 17.90
O1D HEC E . 15.06 -10.97 18.47
O2D HEC E . 13.09 -12.01 18.41
FE HEC F . 3.75 -4.17 10.90
CHA HEC F . 0.84 -3.84 12.79
CHB HEC F . 4.71 -6.80 12.88
CHC HEC F . 6.63 -4.47 9.11
CHD HEC F . 2.86 -1.39 9.02
NA HEC F . 2.91 -5.15 12.52
C1A HEC F . 1.75 -4.82 13.17
C2A HEC F . 1.64 -5.69 14.32
C3A HEC F . 2.72 -6.49 14.36
C4A HEC F . 3.53 -6.17 13.21
CMA HEC F . 3.04 -7.59 15.41
CAA HEC F . 0.47 -5.71 15.34
CBA HEC F . -0.66 -6.54 14.71
CGA HEC F . -0.28 -7.94 14.23
O1A HEC F . -0.32 -8.23 12.98
O2A HEC F . 0.06 -8.78 15.10
NB HEC F . 5.34 -5.42 10.97
C1B HEC F . 5.53 -6.48 11.83
C2B HEC F . 6.67 -7.23 11.38
C3B HEC F . 7.23 -6.58 10.35
C4B HEC F . 6.38 -5.43 10.05
CMB HEC F . 7.17 -8.47 12.15
CAB HEC F . 8.47 -6.99 9.49
CBB HEC F . 8.36 -8.19 8.84
NC HEC F . 4.59 -3.09 9.35
C1C HEC F . 5.84 -3.36 8.85
C2C HEC F . 6.20 -2.26 7.99
C3C HEC F . 5.11 -1.46 7.85
C4C HEC F . 4.10 -1.94 8.78
CMC HEC F . 7.48 -2.32 7.14
CAC HEC F . 4.89 -0.16 7.00
CBC HEC F . 5.28 -0.08 5.71
ND HEC F . 2.10 -2.81 10.89
C1D HEC F . 1.92 -1.80 9.95
C2D HEC F . 0.61 -1.24 10.14
C3D HEC F . 0.00 -2.00 11.32
C4D HEC F . 1.00 -2.95 11.75
CMD HEC F . -0.04 -0.12 9.33
CAD HEC F . -1.40 -1.78 11.96
CBD HEC F . -2.23 -3.05 11.98
CGD HEC F . -2.55 -3.41 10.56
O1D HEC F . -2.79 -4.64 10.34
O2D HEC F . -2.56 -2.52 9.67
PA FAD G . 2.25 -0.08 -4.43
O1A FAD G . 1.37 -1.07 -3.88
O2A FAD G . 2.83 1.03 -3.64
O5B FAD G . 3.36 -0.83 -5.24
C5B FAD G . 4.32 -0.25 -6.16
C4B FAD G . 5.58 -1.07 -6.00
O4B FAD G . 6.60 -0.65 -6.97
C3B FAD G . 6.28 -1.07 -4.62
O3B FAD G . 6.50 -2.44 -4.04
C2B FAD G . 7.72 -0.74 -4.88
O2B FAD G . 8.82 -0.41 -4.00
C1B FAD G . 7.82 -0.51 -6.41
N9A FAD G . 8.73 0.21 -7.17
C8A FAD G . 8.76 1.57 -7.14
N7A FAD G . 9.62 2.10 -7.96
C5A FAD G . 10.22 1.01 -8.58
C6A FAD G . 11.25 0.81 -9.55
N6A FAD G . 11.90 1.86 -10.10
N1A FAD G . 11.56 -0.49 -9.89
C2A FAD G . 10.98 -1.54 -9.40
N3A FAD G . 9.97 -1.45 -8.44
C4A FAD G . 9.67 -0.15 -8.09
N1 FAD G . -6.39 2.40 -0.46
C2 FAD G . -7.71 1.86 -0.46
O2 FAD G . -8.43 2.04 -1.39
N3 FAD G . -8.26 1.09 0.62
C4 FAD G . -7.53 0.86 1.77
O4 FAD G . -8.08 0.23 2.58
C4X FAD G . -6.15 1.50 1.74
N5 FAD G . -5.37 1.37 2.80
C5X FAD G . -4.00 1.86 2.80
C6 FAD G . -3.17 1.62 4.04
C7 FAD G . -1.91 2.06 4.03
C7M FAD G . -1.08 1.81 5.28
C8 FAD G . -1.39 2.72 2.83
C8M FAD G . 0.02 3.20 2.79
C9 FAD G . -2.12 2.97 1.65
C9A FAD G . -3.49 2.53 1.62
N10 FAD G . -4.42 2.72 0.50
C10 FAD G . -5.68 2.21 0.56
C1' FAD G . -3.89 3.34 -0.73
C2' FAD G . -3.30 2.14 -1.48
O2' FAD G . -3.03 0.82 -0.76
C3' FAD G . -2.07 2.49 -2.33
O3' FAD G . -2.69 3.55 -3.14
C4' FAD G . -1.78 1.32 -3.41
O4' FAD G . -0.92 0.59 -2.53
C5' FAD G . -1.34 1.73 -4.75
O5' FAD G . -0.94 0.40 -5.23
P FAD G . 0.09 0.36 -6.42
O1P FAD G . -0.10 1.56 -7.27
O2P FAD G . 0.12 -1.00 -6.98
O3P FAD G . 1.50 0.66 -5.64
OXT FUM H . -8.34 4.31 0.91
C FUM H . -7.73 4.47 1.95
O FUM H . -6.54 5.06 1.92
C4 FUM H . -8.28 4.06 3.25
C5 FUM H . -7.42 3.75 4.22
C6 FUM H . -7.91 3.32 5.53
O7 FUM H . -8.19 2.07 5.76
O8 FUM H . -8.03 4.18 6.35
#